data_2RKI
#
_entry.id   2RKI
#
_cell.length_a   118.391
_cell.length_b   154.167
_cell.length_c   154.488
_cell.angle_alpha   90.00
_cell.angle_beta   90.00
_cell.angle_gamma   90.00
#
_symmetry.space_group_name_H-M   'C 2 2 21'
#
loop_
_entity.id
_entity.type
_entity.pdbx_description
1 polymer 'HIV-1 reverse transcriptase (RT) p66'
2 polymer 'HIV-1 reverse transcriptase (RT) p51'
3 non-polymer 4-benzyl-3-[(2-chlorobenzyl)sulfanyl]-5-thiophen-2-yl-4H-1,2,4-triazole
4 non-polymer GLYCEROL
5 non-polymer 'SULFATE ION'
6 non-polymer 'CHLORIDE ION'
7 non-polymer 'MAGNESIUM ION'
8 water water
#
loop_
_entity_poly.entity_id
_entity_poly.type
_entity_poly.pdbx_seq_one_letter_code
_entity_poly.pdbx_strand_id
1 'polypeptide(L)'
;PISPIETVPVKLKPGMDGPKVKQWPLTEEKIKALVEICTEMEKEGKISKIGPENPYNTPVFAIKKKDSTKWRKLVDFREL
NKRTQDFWEVQLGIPHPAGLKKKKSVTVLDVGDAYFSVPLDEDFRKYTAFTIPSINNETPGIRYQYNVLPQGWKGSPAIF
QSSMTKILEPFRKQNPDIVIYQYMDDLYVGSDLEIGQHRTKIEELRQHLLRWGLTTPDKKHQKEPPFLWMGYELHPDKWT
VQPIVLPEKDSWTVNDIQKLVGKLNWASQIYPGIKVRQLCKLLRGTKALTEVIPLTEEAELELAENREILKEPVHGVYYD
PSKDLIAEIQKQGQGQWTYQIYQEPFKNLKTGKYARMRGAHTNDVKQLTEAVQKITTESIVIWGKTPKFKLPIQKETWET
WWTEYWQATWIPEWEFVNTPPLVKLWYQLEKEPIVGAETFYVDGAANRETKLGKAGYVTNRGRQKVVTLTDTTNQKTELQ
AIYLALQDSGLEVNIVTDSQYALGIIQAQPDQSESELVNQIIEQLIKKEKVYLAWVPAHKGIGGNEQVDKLVSAGIRKVL
;
A
2 'polypeptide(L)'
;PISPIETVPVKLKPGMDGPKVKQWPLTEEKIKALVEICTEMEKEGKISKIGPENPYNTPVFAIKKKDSTKWRKLVDFREL
NKRTQDFWEVQLGIPHPAGLKKKKSVTVLDVGDAYFSVPLDEDFRKYTAFTIPSINNETPGIRYQYNVLPQGWKGSPAIF
QSSMTKILEPFRKQNPDIVIYQYMDDLYVGSDLEIGQHRTKIEELRQHLLRWGLTTPDKKHQKEPPFLWMGYELHPDKWT
VQPIVLPEKDSWTVNDIQKLVGKLNWASQIYPGIKVRQLCKLLRGTKALTEVIPLTEEAELELAENREILKEPVHGVYYD
PSKDLIAEIQKQGQGQWTYQIYQEPFKNLKTGKYARMRGAHTNDVKQLTEAVQKITTESIVIWGKTPKFKLPIQKETWET
WWTEYWQATWIPEWEFVNTPPLVKLWYQLEKEPIVGAETF
;
B
#
loop_
_chem_comp.id
_chem_comp.type
_chem_comp.name
_chem_comp.formula
CL non-polymer 'CHLORIDE ION' 'Cl -1'
GOL non-polymer GLYCEROL 'C3 H8 O3'
MG non-polymer 'MAGNESIUM ION' 'Mg 2'
SO4 non-polymer 'SULFATE ION' 'O4 S -2'
TT1 non-polymer 4-benzyl-3-[(2-chlorobenzyl)sulfanyl]-5-thiophen-2-yl-4H-1,2,4-triazole 'C20 H16 Cl N3 S2'
#
# COMPACT_ATOMS: atom_id res chain seq x y z
N PRO A 1 -15.53 -24.35 33.85
CA PRO A 1 -16.87 -24.30 33.24
C PRO A 1 -16.78 -24.37 31.73
N ILE A 2 -17.94 -24.35 31.08
CA ILE A 2 -18.04 -24.17 29.65
C ILE A 2 -18.98 -23.01 29.43
N SER A 3 -18.51 -21.99 28.72
CA SER A 3 -19.28 -20.76 28.58
C SER A 3 -20.62 -21.02 27.89
N PRO A 4 -21.70 -20.47 28.45
CA PRO A 4 -23.05 -20.55 27.89
C PRO A 4 -23.21 -19.79 26.57
N ILE A 5 -22.14 -19.12 26.14
CA ILE A 5 -22.18 -18.26 24.97
C ILE A 5 -22.52 -19.03 23.70
N GLU A 6 -23.24 -18.39 22.79
CA GLU A 6 -23.55 -19.02 21.51
C GLU A 6 -22.27 -19.52 20.87
N THR A 7 -22.37 -20.62 20.15
CA THR A 7 -21.24 -21.14 19.40
C THR A 7 -21.12 -20.42 18.05
N VAL A 8 -19.89 -20.42 17.53
CA VAL A 8 -19.63 -19.94 16.19
C VAL A 8 -19.79 -21.10 15.24
N PRO A 9 -20.59 -20.93 14.18
CA PRO A 9 -20.77 -22.00 13.21
C PRO A 9 -19.52 -22.22 12.37
N VAL A 10 -19.14 -23.48 12.20
CA VAL A 10 -17.89 -23.81 11.54
C VAL A 10 -18.16 -24.80 10.43
N LYS A 11 -17.45 -24.65 9.32
CA LYS A 11 -17.56 -25.57 8.20
C LYS A 11 -16.20 -26.09 7.79
N LEU A 12 -16.18 -27.25 7.14
CA LEU A 12 -14.96 -27.74 6.51
C LEU A 12 -14.84 -27.03 5.17
N LYS A 13 -13.63 -26.95 4.64
CA LYS A 13 -13.42 -26.38 3.32
C LYS A 13 -14.31 -27.12 2.31
N PRO A 14 -14.96 -26.38 1.40
CA PRO A 14 -15.90 -27.00 0.47
C PRO A 14 -15.25 -28.10 -0.36
N GLY A 15 -16.01 -29.15 -0.65
CA GLY A 15 -15.47 -30.27 -1.40
C GLY A 15 -14.68 -31.22 -0.52
N MET A 16 -14.60 -30.91 0.76
CA MET A 16 -13.80 -31.73 1.66
C MET A 16 -14.65 -32.39 2.73
N ASP A 17 -14.25 -33.58 3.13
CA ASP A 17 -14.88 -34.27 4.25
C ASP A 17 -13.89 -34.32 5.40
N GLY A 18 -14.36 -34.67 6.59
CA GLY A 18 -13.52 -34.66 7.78
C GLY A 18 -12.34 -35.62 7.72
N PRO A 19 -11.43 -35.56 8.70
CA PRO A 19 -10.24 -36.41 8.67
C PRO A 19 -10.54 -37.87 8.98
N LYS A 20 -9.71 -38.77 8.47
CA LYS A 20 -9.85 -40.19 8.77
C LYS A 20 -8.50 -40.86 8.93
N VAL A 21 -7.64 -40.28 9.76
CA VAL A 21 -6.32 -40.82 9.98
C VAL A 21 -6.36 -41.99 10.95
N LYS A 22 -5.53 -42.99 10.68
CA LYS A 22 -5.53 -44.23 11.44
C LYS A 22 -4.75 -44.02 12.73
N GLN A 23 -5.31 -44.46 13.85
CA GLN A 23 -4.66 -44.33 15.14
C GLN A 23 -3.54 -45.36 15.27
N TRP A 24 -2.32 -44.88 15.54
CA TRP A 24 -1.18 -45.76 15.71
C TRP A 24 -1.25 -46.45 17.07
N PRO A 25 -0.79 -47.70 17.15
CA PRO A 25 -0.80 -48.41 18.43
C PRO A 25 0.16 -47.80 19.46
N LEU A 26 -0.37 -47.50 20.64
CA LEU A 26 0.43 -46.88 21.70
C LEU A 26 0.90 -47.91 22.72
N THR A 27 1.89 -47.52 23.53
CA THR A 27 2.27 -48.34 24.67
C THR A 27 1.20 -48.30 25.78
N GLU A 28 1.21 -49.31 26.63
CA GLU A 28 0.24 -49.40 27.73
C GLU A 28 0.28 -48.17 28.64
N GLU A 29 1.49 -47.72 28.95
CA GLU A 29 1.63 -46.59 29.85
C GLU A 29 1.03 -45.34 29.23
N LYS A 30 1.20 -45.20 27.92
CA LYS A 30 0.64 -44.06 27.22
C LYS A 30 -0.86 -44.22 27.13
N ILE A 31 -1.31 -45.46 26.93
CA ILE A 31 -2.73 -45.75 26.91
C ILE A 31 -3.38 -45.49 28.27
N LYS A 32 -2.67 -45.79 29.34
CA LYS A 32 -3.19 -45.55 30.69
C LYS A 32 -3.27 -44.05 30.96
N ALA A 33 -2.19 -43.34 30.68
CA ALA A 33 -2.17 -41.89 30.79
C ALA A 33 -3.38 -41.29 30.06
N LEU A 34 -3.53 -41.64 28.79
CA LEU A 34 -4.62 -41.13 27.97
C LEU A 34 -5.97 -41.41 28.60
N VAL A 35 -6.17 -42.62 29.11
CA VAL A 35 -7.45 -42.97 29.71
C VAL A 35 -7.72 -42.10 30.93
N GLU A 36 -6.70 -41.94 31.77
CA GLU A 36 -6.84 -41.11 32.96
C GLU A 36 -7.18 -39.67 32.60
N ILE A 37 -6.46 -39.11 31.63
CA ILE A 37 -6.67 -37.74 31.21
C ILE A 37 -8.04 -37.51 30.60
N CYS A 38 -8.46 -38.43 29.75
CA CYS A 38 -9.74 -38.28 29.04
C CYS A 38 -10.92 -38.51 29.98
N THR A 39 -10.74 -39.40 30.95
CA THR A 39 -11.77 -39.60 31.96
C THR A 39 -12.04 -38.30 32.71
N GLU A 40 -10.98 -37.61 33.12
CA GLU A 40 -11.12 -36.37 33.84
C GLU A 40 -11.82 -35.31 32.98
N MET A 41 -11.41 -35.22 31.72
CA MET A 41 -11.99 -34.26 30.78
C MET A 41 -13.45 -34.63 30.52
N GLU A 42 -13.72 -35.92 30.45
CA GLU A 42 -15.07 -36.37 30.16
C GLU A 42 -16.02 -35.94 31.26
N LYS A 43 -15.52 -35.95 32.50
CA LYS A 43 -16.33 -35.60 33.67
C LYS A 43 -16.74 -34.13 33.64
N GLU A 44 -15.91 -33.30 33.02
CA GLU A 44 -16.12 -31.86 33.04
C GLU A 44 -16.77 -31.33 31.77
N GLY A 45 -17.21 -32.24 30.92
CA GLY A 45 -17.93 -31.85 29.73
C GLY A 45 -17.03 -31.52 28.55
N LYS A 46 -15.71 -31.50 28.76
CA LYS A 46 -14.79 -31.11 27.69
C LYS A 46 -14.93 -32.04 26.49
N ILE A 47 -15.05 -33.34 26.75
CA ILE A 47 -15.22 -34.33 25.70
C ILE A 47 -16.38 -35.27 26.00
N SER A 48 -16.84 -36.00 24.98
CA SER A 48 -17.92 -36.97 25.15
C SER A 48 -17.67 -38.27 24.37
N LYS A 49 -17.99 -39.41 25.01
CA LYS A 49 -17.93 -40.70 24.34
C LYS A 49 -18.93 -40.73 23.20
N ILE A 50 -18.54 -41.32 22.08
CA ILE A 50 -19.43 -41.46 20.94
C ILE A 50 -19.48 -42.93 20.54
N GLY A 51 -20.39 -43.26 19.61
CA GLY A 51 -20.48 -44.61 19.11
C GLY A 51 -19.38 -44.94 18.11
N PRO A 52 -19.44 -46.14 17.49
CA PRO A 52 -18.49 -46.58 16.45
C PRO A 52 -18.86 -46.04 15.07
N GLU A 53 -20.07 -45.49 14.96
CA GLU A 53 -20.61 -45.06 13.67
C GLU A 53 -19.96 -43.79 13.11
N ASN A 54 -19.28 -43.02 13.96
CA ASN A 54 -18.54 -41.85 13.51
C ASN A 54 -17.31 -42.27 12.71
N PRO A 55 -17.28 -41.90 11.41
CA PRO A 55 -16.27 -42.36 10.44
C PRO A 55 -14.91 -41.69 10.66
N TYR A 56 -14.94 -40.57 11.37
CA TYR A 56 -13.79 -39.67 11.41
C TYR A 56 -12.83 -40.04 12.52
N ASN A 57 -11.55 -39.76 12.32
CA ASN A 57 -10.59 -39.93 13.40
C ASN A 57 -9.33 -39.07 13.30
N THR A 58 -8.77 -38.74 14.45
CA THR A 58 -7.54 -37.96 14.51
C THR A 58 -6.59 -38.58 15.51
N PRO A 59 -5.31 -38.71 15.14
CA PRO A 59 -4.31 -39.36 15.99
C PRO A 59 -4.17 -38.70 17.36
N VAL A 60 -4.04 -39.52 18.39
CA VAL A 60 -3.72 -39.03 19.72
C VAL A 60 -2.41 -39.60 20.26
N PHE A 61 -1.57 -38.73 20.80
CA PHE A 61 -0.30 -39.14 21.37
C PHE A 61 -0.28 -38.74 22.84
N ALA A 62 0.69 -39.22 23.59
CA ALA A 62 0.93 -38.76 24.96
C ALA A 62 2.43 -38.74 25.22
N ILE A 63 2.91 -37.66 25.83
CA ILE A 63 4.33 -37.52 26.13
C ILE A 63 4.53 -37.03 27.55
N LYS A 64 5.74 -37.22 28.08
CA LYS A 64 6.04 -36.86 29.46
C LYS A 64 6.09 -35.35 29.66
N LYS A 65 5.90 -34.92 30.90
CA LYS A 65 5.61 -33.51 31.19
C LYS A 65 6.76 -32.81 31.90
N LYS A 66 7.53 -32.04 31.15
CA LYS A 66 8.53 -31.13 31.72
C LYS A 66 9.59 -31.85 32.55
N ASP A 67 9.75 -33.16 32.30
CA ASP A 67 10.69 -33.99 33.06
C ASP A 67 10.11 -34.45 34.40
N SER A 68 8.80 -34.28 34.58
CA SER A 68 8.12 -34.75 35.78
C SER A 68 7.51 -36.14 35.54
N THR A 69 6.56 -36.51 36.40
CA THR A 69 5.87 -37.79 36.23
C THR A 69 4.44 -37.53 35.73
N LYS A 70 4.14 -36.25 35.49
CA LYS A 70 2.87 -35.86 34.89
C LYS A 70 2.86 -36.24 33.41
N TRP A 71 1.68 -36.58 32.91
CA TRP A 71 1.50 -36.87 31.48
C TRP A 71 0.71 -35.74 30.83
N ARG A 72 0.92 -35.53 29.54
CA ARG A 72 0.10 -34.61 28.78
C ARG A 72 -0.41 -35.24 27.49
N LYS A 73 -1.68 -34.96 27.17
CA LYS A 73 -2.27 -35.46 25.94
C LYS A 73 -1.93 -34.57 24.77
N LEU A 74 -1.64 -35.19 23.62
CA LEU A 74 -1.32 -34.44 22.42
C LEU A 74 -2.08 -34.98 21.21
N VAL A 75 -3.06 -34.21 20.76
CA VAL A 75 -3.81 -34.52 19.56
C VAL A 75 -3.10 -33.95 18.32
N ASP A 76 -3.11 -34.72 17.23
CA ASP A 76 -2.49 -34.27 15.99
C ASP A 76 -3.57 -33.75 15.06
N PHE A 77 -3.77 -32.45 15.04
CA PHE A 77 -4.86 -31.88 14.25
C PHE A 77 -4.44 -31.43 12.85
N ARG A 78 -3.24 -31.83 12.42
CA ARG A 78 -2.75 -31.44 11.12
C ARG A 78 -3.76 -31.67 10.01
N GLU A 79 -4.40 -32.85 10.01
CA GLU A 79 -5.28 -33.20 8.91
C GLU A 79 -6.63 -32.48 8.98
N LEU A 80 -7.20 -32.38 10.17
CA LEU A 80 -8.42 -31.59 10.37
C LEU A 80 -8.11 -30.14 9.96
N ASN A 81 -7.01 -29.61 10.49
CA ASN A 81 -6.62 -28.23 10.19
C ASN A 81 -6.52 -27.95 8.70
N LYS A 82 -5.88 -28.85 7.98
CA LYS A 82 -5.83 -28.79 6.52
C LYS A 82 -7.25 -28.77 5.92
N ARG A 83 -8.21 -29.39 6.59
CA ARG A 83 -9.57 -29.44 6.03
C ARG A 83 -10.54 -28.39 6.57
N THR A 84 -10.16 -27.68 7.62
CA THR A 84 -11.07 -26.70 8.22
C THR A 84 -11.06 -25.37 7.46
N GLN A 85 -12.21 -24.72 7.42
CA GLN A 85 -12.37 -23.42 6.77
C GLN A 85 -11.34 -22.44 7.28
N ASP A 86 -10.99 -21.46 6.45
CA ASP A 86 -10.18 -20.34 6.92
C ASP A 86 -11.02 -19.41 7.79
N PHE A 87 -10.36 -18.75 8.73
CA PHE A 87 -11.01 -17.82 9.63
C PHE A 87 -10.43 -16.43 9.46
N TRP A 88 -11.14 -15.44 9.97
CA TRP A 88 -10.59 -14.09 10.05
C TRP A 88 -9.43 -14.12 11.01
N GLU A 89 -8.48 -13.20 10.84
CA GLU A 89 -7.29 -13.20 11.68
C GLU A 89 -7.58 -12.68 13.07
N VAL A 90 -6.89 -13.26 14.05
CA VAL A 90 -7.03 -12.86 15.45
C VAL A 90 -6.67 -11.38 15.65
N GLN A 91 -5.43 -11.02 15.35
CA GLN A 91 -4.97 -9.63 15.51
C GLN A 91 -4.42 -9.06 14.20
N LEU A 92 -4.78 -7.82 13.90
CA LEU A 92 -4.30 -7.14 12.70
C LEU A 92 -2.94 -6.52 12.98
N GLY A 93 -2.75 -6.20 14.26
CA GLY A 93 -1.48 -5.70 14.74
C GLY A 93 -1.51 -5.80 16.25
N ILE A 94 -0.45 -5.39 16.91
CA ILE A 94 -0.44 -5.38 18.36
C ILE A 94 -0.15 -3.97 18.84
N PRO A 95 -0.70 -3.59 19.99
CA PRO A 95 -0.41 -2.24 20.47
C PRO A 95 1.09 -1.99 20.52
N HIS A 96 1.50 -0.75 20.24
CA HIS A 96 2.82 -0.34 20.65
C HIS A 96 2.68 0.39 21.97
N PRO A 97 3.55 0.10 22.94
CA PRO A 97 3.53 0.83 24.22
C PRO A 97 3.37 2.35 24.07
N ALA A 98 4.10 2.94 23.13
CA ALA A 98 4.09 4.39 22.93
C ALA A 98 2.71 4.99 22.70
N GLY A 99 1.79 4.17 22.18
CA GLY A 99 0.45 4.65 21.87
C GLY A 99 -0.54 4.50 23.03
N LEU A 100 -0.10 3.90 24.13
CA LEU A 100 -0.96 3.72 25.31
C LEU A 100 -1.12 5.04 26.08
N LYS A 101 -2.37 5.44 26.31
CA LYS A 101 -2.65 6.63 27.08
C LYS A 101 -2.14 6.54 28.51
N LYS A 102 -1.58 7.63 29.01
CA LYS A 102 -1.31 7.74 30.44
C LYS A 102 -2.60 7.44 31.21
N LYS A 103 -2.49 6.58 32.21
CA LYS A 103 -3.66 6.23 33.02
C LYS A 103 -3.31 5.85 34.44
N LYS A 104 -4.29 5.93 35.33
CA LYS A 104 -4.06 5.64 36.75
C LYS A 104 -3.69 4.18 37.01
N SER A 105 -4.49 3.24 36.53
CA SER A 105 -4.24 1.86 36.89
C SER A 105 -4.58 0.84 35.82
N VAL A 106 -3.84 -0.26 35.87
CA VAL A 106 -4.05 -1.38 34.95
C VAL A 106 -3.99 -2.68 35.73
N THR A 107 -4.99 -3.53 35.54
CA THR A 107 -4.97 -4.85 36.13
C THR A 107 -4.87 -5.87 35.02
N VAL A 108 -4.03 -6.89 35.21
CA VAL A 108 -4.04 -8.02 34.31
C VAL A 108 -4.78 -9.21 34.92
N LEU A 109 -5.73 -9.76 34.16
CA LEU A 109 -6.47 -10.95 34.54
C LEU A 109 -6.26 -11.97 33.43
N ASP A 110 -5.83 -13.18 33.78
CA ASP A 110 -5.75 -14.24 32.78
C ASP A 110 -6.94 -15.19 32.93
N VAL A 111 -7.33 -15.80 31.82
CA VAL A 111 -8.43 -16.73 31.83
C VAL A 111 -7.93 -18.15 32.08
N GLY A 112 -8.55 -18.82 33.05
CA GLY A 112 -8.21 -20.20 33.33
C GLY A 112 -8.75 -21.12 32.25
N ASP A 113 -7.92 -22.05 31.80
CA ASP A 113 -8.32 -23.06 30.82
C ASP A 113 -9.14 -22.49 29.66
N ALA A 114 -8.55 -21.51 28.98
CA ALA A 114 -9.27 -20.66 28.03
C ALA A 114 -10.06 -21.42 26.95
N TYR A 115 -9.36 -22.22 26.14
CA TYR A 115 -10.01 -22.95 25.05
C TYR A 115 -11.09 -23.90 25.58
N PHE A 116 -10.79 -24.58 26.68
CA PHE A 116 -11.70 -25.58 27.20
C PHE A 116 -12.92 -24.96 27.87
N SER A 117 -12.84 -23.66 28.13
CA SER A 117 -13.96 -22.91 28.68
C SER A 117 -14.90 -22.35 27.60
N VAL A 118 -14.67 -22.70 26.34
CA VAL A 118 -15.55 -22.24 25.27
C VAL A 118 -16.09 -23.38 24.39
N PRO A 119 -17.41 -23.37 24.13
CA PRO A 119 -18.08 -24.43 23.38
C PRO A 119 -17.75 -24.43 21.88
N LEU A 120 -17.83 -25.61 21.28
CA LEU A 120 -17.57 -25.79 19.87
C LEU A 120 -18.88 -26.02 19.15
N ASP A 121 -19.03 -25.44 17.95
CA ASP A 121 -20.22 -25.66 17.14
C ASP A 121 -20.58 -27.15 17.14
N GLU A 122 -21.82 -27.45 17.54
CA GLU A 122 -22.23 -28.84 17.75
C GLU A 122 -22.12 -29.65 16.48
N ASP A 123 -22.52 -29.05 15.37
CA ASP A 123 -22.52 -29.74 14.08
C ASP A 123 -21.11 -30.05 13.61
N PHE A 124 -20.11 -29.57 14.35
CA PHE A 124 -18.74 -29.72 13.93
C PHE A 124 -17.96 -30.71 14.79
N ARG A 125 -18.45 -30.97 16.00
CA ARG A 125 -17.75 -31.80 16.97
C ARG A 125 -17.40 -33.17 16.41
N LYS A 126 -18.29 -33.71 15.59
CA LYS A 126 -18.11 -35.04 15.04
C LYS A 126 -16.76 -35.15 14.32
N TYR A 127 -16.27 -34.03 13.81
CA TYR A 127 -15.06 -34.06 13.02
C TYR A 127 -13.81 -34.11 13.90
N THR A 128 -14.00 -33.92 15.19
CA THR A 128 -12.89 -33.86 16.14
C THR A 128 -12.68 -35.19 16.86
N ALA A 129 -13.46 -36.20 16.46
CA ALA A 129 -13.37 -37.53 17.05
C ALA A 129 -11.94 -38.08 17.10
N PHE A 130 -11.56 -38.62 18.25
CA PHE A 130 -10.31 -39.37 18.35
C PHE A 130 -10.52 -40.70 19.08
N THR A 131 -9.53 -41.57 19.01
CA THR A 131 -9.67 -42.91 19.58
C THR A 131 -8.47 -43.27 20.46
N ILE A 132 -8.74 -43.65 21.71
CA ILE A 132 -7.70 -44.21 22.56
C ILE A 132 -7.63 -45.72 22.29
N PRO A 133 -6.52 -46.20 21.73
CA PRO A 133 -6.43 -47.60 21.31
C PRO A 133 -6.42 -48.55 22.51
N SER A 134 -7.01 -49.73 22.33
CA SER A 134 -6.87 -50.82 23.31
C SER A 134 -5.45 -51.39 23.25
N ILE A 135 -5.06 -52.09 24.30
CA ILE A 135 -3.72 -52.67 24.36
C ILE A 135 -3.47 -53.58 23.16
N ASN A 136 -2.30 -53.41 22.54
CA ASN A 136 -1.97 -54.02 21.26
C ASN A 136 -3.16 -54.25 20.33
N ASN A 137 -4.03 -53.24 20.25
CA ASN A 137 -5.09 -53.23 19.26
C ASN A 137 -5.86 -54.55 19.20
N GLU A 138 -6.28 -55.06 20.35
CA GLU A 138 -7.09 -56.27 20.36
C GLU A 138 -8.56 -55.92 20.15
N THR A 139 -9.07 -55.00 20.96
CA THR A 139 -10.48 -54.65 20.92
C THR A 139 -10.69 -53.22 20.45
N PRO A 140 -11.94 -52.86 20.13
CA PRO A 140 -12.29 -51.49 19.76
C PRO A 140 -11.84 -50.48 20.80
N GLY A 141 -11.21 -49.40 20.34
CA GLY A 141 -10.73 -48.39 21.26
C GLY A 141 -11.85 -47.57 21.84
N ILE A 142 -11.52 -46.68 22.76
CA ILE A 142 -12.50 -45.74 23.29
C ILE A 142 -12.52 -44.50 22.40
N ARG A 143 -13.71 -44.02 22.08
CA ARG A 143 -13.87 -42.93 21.13
C ARG A 143 -14.53 -41.73 21.78
N TYR A 144 -13.88 -40.57 21.66
CA TYR A 144 -14.47 -39.32 22.13
C TYR A 144 -14.52 -38.27 21.03
N GLN A 145 -15.24 -37.19 21.29
CA GLN A 145 -15.20 -36.03 20.44
C GLN A 145 -15.23 -34.81 21.35
N TYR A 146 -14.74 -33.68 20.86
CA TYR A 146 -14.68 -32.45 21.63
C TYR A 146 -16.02 -31.72 21.72
N ASN A 147 -16.27 -31.10 22.85
CA ASN A 147 -17.43 -30.24 23.01
C ASN A 147 -16.95 -28.81 23.11
N VAL A 148 -15.65 -28.66 23.38
CA VAL A 148 -15.04 -27.34 23.46
C VAL A 148 -13.92 -27.18 22.41
N LEU A 149 -13.32 -25.99 22.38
CA LEU A 149 -12.24 -25.69 21.43
C LEU A 149 -10.99 -26.48 21.80
N PRO A 150 -10.52 -27.34 20.89
CA PRO A 150 -9.31 -28.12 21.10
C PRO A 150 -8.04 -27.25 21.07
N GLN A 151 -7.06 -27.61 21.89
CA GLN A 151 -5.69 -27.14 21.71
C GLN A 151 -5.16 -27.59 20.36
N GLY A 152 -4.59 -26.67 19.59
CA GLY A 152 -3.97 -27.06 18.32
C GLY A 152 -4.87 -27.13 17.11
N TRP A 153 -6.18 -27.02 17.30
CA TRP A 153 -7.11 -26.86 16.17
C TRP A 153 -7.09 -25.43 15.63
N LYS A 154 -7.23 -25.32 14.31
CA LYS A 154 -7.05 -24.08 13.58
C LYS A 154 -7.98 -22.97 14.03
N GLY A 155 -9.15 -23.36 14.53
CA GLY A 155 -10.20 -22.39 14.80
C GLY A 155 -10.16 -21.77 16.18
N SER A 156 -9.38 -22.35 17.08
CA SER A 156 -9.48 -22.03 18.48
C SER A 156 -9.10 -20.63 18.88
N PRO A 157 -7.93 -20.15 18.41
CA PRO A 157 -7.53 -18.78 18.78
C PRO A 157 -8.60 -17.76 18.38
N ALA A 158 -9.12 -17.88 17.16
CA ALA A 158 -10.06 -16.89 16.64
C ALA A 158 -11.45 -16.97 17.31
N ILE A 159 -11.96 -18.19 17.47
CA ILE A 159 -13.26 -18.35 18.09
C ILE A 159 -13.19 -17.99 19.57
N PHE A 160 -12.09 -18.35 20.23
CA PHE A 160 -11.93 -17.94 21.60
C PHE A 160 -11.97 -16.41 21.74
N GLN A 161 -11.14 -15.73 20.95
CA GLN A 161 -11.04 -14.28 21.09
C GLN A 161 -12.38 -13.62 20.78
N SER A 162 -13.11 -14.13 19.80
CA SER A 162 -14.38 -13.52 19.44
C SER A 162 -15.49 -13.81 20.47
N SER A 163 -15.43 -14.96 21.13
CA SER A 163 -16.34 -15.25 22.23
C SER A 163 -16.12 -14.26 23.35
N MET A 164 -14.86 -14.00 23.66
CA MET A 164 -14.51 -13.07 24.71
C MET A 164 -14.97 -11.65 24.36
N THR A 165 -14.94 -11.32 23.08
CA THR A 165 -15.32 -9.97 22.66
C THR A 165 -16.83 -9.79 22.81
N LYS A 166 -17.58 -10.82 22.43
CA LYS A 166 -19.03 -10.78 22.59
C LYS A 166 -19.36 -10.63 24.07
N ILE A 167 -18.72 -11.44 24.90
CA ILE A 167 -18.96 -11.36 26.33
C ILE A 167 -18.61 -10.00 26.91
N LEU A 168 -17.49 -9.42 26.46
CA LEU A 168 -17.04 -8.13 26.96
C LEU A 168 -17.96 -7.00 26.49
N GLU A 169 -18.61 -7.20 25.35
CA GLU A 169 -19.32 -6.13 24.66
C GLU A 169 -20.16 -5.25 25.58
N PRO A 170 -21.05 -5.86 26.39
CA PRO A 170 -21.94 -5.08 27.26
C PRO A 170 -21.19 -4.38 28.39
N PHE A 171 -20.21 -5.07 28.97
CA PHE A 171 -19.44 -4.47 30.05
C PHE A 171 -18.69 -3.23 29.58
N ARG A 172 -18.15 -3.28 28.36
CA ARG A 172 -17.46 -2.13 27.80
C ARG A 172 -18.48 -1.04 27.47
N LYS A 173 -19.68 -1.44 27.07
CA LYS A 173 -20.75 -0.51 26.75
C LYS A 173 -21.15 0.28 28.01
N GLN A 174 -21.29 -0.44 29.12
CA GLN A 174 -21.75 0.16 30.36
C GLN A 174 -20.62 0.86 31.11
N ASN A 175 -19.38 0.54 30.75
CA ASN A 175 -18.23 1.11 31.42
C ASN A 175 -17.33 1.83 30.42
N PRO A 176 -17.82 2.94 29.84
CA PRO A 176 -17.07 3.58 28.76
C PRO A 176 -15.68 4.08 29.19
N ASP A 177 -15.56 4.45 30.46
CA ASP A 177 -14.31 4.99 30.97
C ASP A 177 -13.39 3.88 31.48
N ILE A 178 -13.68 2.65 31.09
CA ILE A 178 -12.80 1.51 31.34
C ILE A 178 -12.30 0.98 30.02
N VAL A 179 -11.01 0.69 29.93
CA VAL A 179 -10.49 0.06 28.72
C VAL A 179 -9.89 -1.32 28.96
N ILE A 180 -10.09 -2.21 27.99
CA ILE A 180 -9.63 -3.58 28.08
C ILE A 180 -8.86 -3.99 26.84
N TYR A 181 -7.60 -4.35 27.02
CA TYR A 181 -6.86 -4.97 25.93
C TYR A 181 -6.85 -6.51 26.01
N GLN A 182 -7.37 -7.15 24.96
CA GLN A 182 -7.38 -8.61 24.89
C GLN A 182 -6.12 -9.13 24.22
N TYR A 183 -5.38 -9.98 24.93
CA TYR A 183 -4.25 -10.66 24.34
C TYR A 183 -4.19 -12.12 24.73
N MET A 184 -4.42 -12.99 23.76
CA MET A 184 -4.45 -14.42 23.99
C MET A 184 -5.43 -14.71 25.13
N ASP A 185 -4.98 -15.32 26.22
CA ASP A 185 -5.89 -15.55 27.33
C ASP A 185 -5.63 -14.62 28.49
N ASP A 186 -5.02 -13.47 28.21
CA ASP A 186 -4.90 -12.42 29.19
C ASP A 186 -5.89 -11.31 28.89
N LEU A 187 -6.14 -10.48 29.89
CA LEU A 187 -7.05 -9.35 29.78
C LEU A 187 -6.37 -8.23 30.55
N TYR A 188 -5.99 -7.16 29.86
CA TYR A 188 -5.44 -6.00 30.56
C TYR A 188 -6.52 -4.95 30.68
N VAL A 189 -6.70 -4.44 31.89
CA VAL A 189 -7.85 -3.59 32.21
C VAL A 189 -7.35 -2.30 32.84
N GLY A 190 -7.66 -1.17 32.22
CA GLY A 190 -7.08 0.09 32.67
C GLY A 190 -8.13 1.17 32.87
N SER A 191 -7.83 2.14 33.73
CA SER A 191 -8.76 3.22 34.02
C SER A 191 -8.06 4.37 34.73
N ASP A 192 -8.79 5.48 34.88
CA ASP A 192 -8.30 6.66 35.58
C ASP A 192 -9.02 6.85 36.90
N LEU A 193 -9.78 5.84 37.30
CA LEU A 193 -10.41 5.80 38.61
C LEU A 193 -9.33 5.62 39.67
N GLU A 194 -9.63 5.96 40.91
CA GLU A 194 -8.71 5.75 42.02
C GLU A 194 -8.80 4.30 42.53
N ILE A 195 -7.77 3.84 43.20
CA ILE A 195 -7.62 2.42 43.52
C ILE A 195 -8.91 1.69 43.87
N GLY A 196 -9.66 2.24 44.83
CA GLY A 196 -10.82 1.54 45.34
C GLY A 196 -11.87 1.30 44.28
N GLN A 197 -12.23 2.36 43.55
CA GLN A 197 -13.24 2.27 42.52
C GLN A 197 -12.74 1.44 41.34
N HIS A 198 -11.42 1.28 41.25
CA HIS A 198 -10.81 0.49 40.19
C HIS A 198 -10.85 -0.99 40.59
N ARG A 199 -10.39 -1.27 41.80
CA ARG A 199 -10.42 -2.63 42.30
C ARG A 199 -11.86 -3.12 42.43
N THR A 200 -12.79 -2.17 42.49
CA THR A 200 -14.21 -2.47 42.55
C THR A 200 -14.76 -2.78 41.16
N LYS A 201 -14.29 -2.04 40.16
CA LYS A 201 -14.68 -2.29 38.78
C LYS A 201 -14.10 -3.61 38.28
N ILE A 202 -12.92 -3.96 38.78
CA ILE A 202 -12.31 -5.25 38.42
C ILE A 202 -13.12 -6.42 38.94
N GLU A 203 -13.71 -6.29 40.13
CA GLU A 203 -14.52 -7.36 40.67
C GLU A 203 -15.84 -7.47 39.91
N GLU A 204 -16.42 -6.34 39.56
CA GLU A 204 -17.64 -6.35 38.76
C GLU A 204 -17.35 -7.08 37.46
N LEU A 205 -16.15 -6.84 36.93
CA LEU A 205 -15.75 -7.42 35.64
C LEU A 205 -15.50 -8.91 35.80
N ARG A 206 -14.83 -9.29 36.89
CA ARG A 206 -14.62 -10.69 37.19
C ARG A 206 -15.94 -11.43 37.33
N GLN A 207 -16.90 -10.79 38.00
CA GLN A 207 -18.18 -11.42 38.25
C GLN A 207 -18.93 -11.59 36.95
N HIS A 208 -18.88 -10.55 36.11
CA HIS A 208 -19.51 -10.67 34.81
C HIS A 208 -18.80 -11.78 34.04
N LEU A 209 -17.48 -11.85 34.18
CA LEU A 209 -16.73 -12.88 33.47
C LEU A 209 -17.17 -14.26 33.97
N LEU A 210 -17.40 -14.36 35.27
CA LEU A 210 -17.76 -15.65 35.86
C LEU A 210 -19.14 -16.09 35.45
N ARG A 211 -20.09 -15.16 35.40
CA ARG A 211 -21.45 -15.53 35.02
C ARG A 211 -21.44 -16.16 33.63
N TRP A 212 -20.32 -16.05 32.94
CA TRP A 212 -20.23 -16.46 31.55
C TRP A 212 -19.23 -17.58 31.28
N GLY A 213 -18.71 -18.18 32.36
CA GLY A 213 -17.89 -19.38 32.21
C GLY A 213 -16.40 -19.14 32.34
N LEU A 214 -16.01 -17.88 32.50
CA LEU A 214 -14.59 -17.53 32.55
C LEU A 214 -14.12 -17.21 33.95
N THR A 215 -13.30 -18.10 34.49
CA THR A 215 -12.71 -17.88 35.80
C THR A 215 -11.47 -17.01 35.67
N THR A 216 -11.20 -16.22 36.70
CA THR A 216 -10.09 -15.28 36.70
C THR A 216 -9.50 -15.25 38.10
N PRO A 217 -8.24 -14.82 38.22
CA PRO A 217 -7.60 -14.75 39.54
C PRO A 217 -8.14 -13.60 40.41
N ASP A 218 -8.01 -13.75 41.72
CA ASP A 218 -8.48 -12.74 42.66
C ASP A 218 -7.30 -11.86 43.05
N LYS A 219 -7.59 -10.77 43.73
CA LYS A 219 -6.59 -9.74 44.03
C LYS A 219 -5.29 -10.35 44.54
N LYS A 220 -5.40 -11.50 45.21
CA LYS A 220 -4.26 -12.13 45.85
C LYS A 220 -3.34 -12.80 44.83
N HIS A 221 -3.91 -13.17 43.69
CA HIS A 221 -3.17 -13.93 42.69
C HIS A 221 -2.97 -13.19 41.37
N GLN A 222 -3.45 -11.95 41.31
CA GLN A 222 -3.24 -11.11 40.14
C GLN A 222 -1.79 -10.65 40.07
N LYS A 223 -1.15 -10.89 38.93
CA LYS A 223 0.22 -10.46 38.72
C LYS A 223 0.33 -8.95 38.84
N GLU A 224 1.51 -8.47 39.25
CA GLU A 224 1.72 -7.04 39.42
C GLU A 224 2.76 -6.47 38.45
N PRO A 225 2.69 -5.17 38.18
CA PRO A 225 3.66 -4.48 37.33
C PRO A 225 5.04 -4.67 37.93
N PRO A 226 6.10 -4.62 37.10
CA PRO A 226 6.02 -4.37 35.65
C PRO A 226 5.45 -5.55 34.86
N PHE A 227 4.65 -5.23 33.86
CA PHE A 227 4.10 -6.24 32.95
C PHE A 227 5.10 -6.58 31.87
N LEU A 228 5.33 -7.88 31.67
CA LEU A 228 6.26 -8.33 30.65
C LEU A 228 5.46 -8.86 29.49
N TRP A 229 5.64 -8.27 28.31
CA TRP A 229 4.73 -8.52 27.23
C TRP A 229 5.34 -8.25 25.87
N MET A 230 5.29 -9.25 24.99
CA MET A 230 5.78 -9.10 23.63
C MET A 230 7.17 -8.44 23.53
N GLY A 231 8.04 -8.74 24.49
CA GLY A 231 9.37 -8.15 24.49
C GLY A 231 9.48 -6.81 25.22
N TYR A 232 8.38 -6.34 25.79
CA TYR A 232 8.40 -5.05 26.46
C TYR A 232 8.34 -5.19 27.97
N GLU A 233 8.69 -4.10 28.65
CA GLU A 233 8.57 -4.02 30.10
C GLU A 233 7.73 -2.79 30.44
N LEU A 234 6.55 -3.01 31.01
CA LEU A 234 5.54 -1.97 31.12
C LEU A 234 5.30 -1.55 32.56
N HIS A 235 5.69 -0.30 32.87
CA HIS A 235 5.50 0.25 34.21
C HIS A 235 4.36 1.27 34.20
N PRO A 236 3.89 1.69 35.39
CA PRO A 236 2.81 2.66 35.47
C PRO A 236 3.02 4.02 34.78
N ASP A 237 4.26 4.50 34.71
CA ASP A 237 4.54 5.79 34.08
C ASP A 237 5.62 5.77 33.00
N LYS A 238 6.14 4.57 32.69
CA LYS A 238 7.15 4.44 31.67
C LYS A 238 7.17 3.03 31.09
N TRP A 239 7.83 2.87 29.96
CA TRP A 239 7.96 1.57 29.31
C TRP A 239 9.33 1.51 28.69
N THR A 240 9.89 0.31 28.59
CA THR A 240 11.14 0.11 27.87
C THR A 240 11.08 -1.25 27.21
N VAL A 241 12.11 -1.62 26.46
CA VAL A 241 12.20 -2.98 25.98
C VAL A 241 12.76 -3.86 27.10
N GLN A 242 12.49 -5.16 27.02
CA GLN A 242 12.99 -6.07 28.04
C GLN A 242 14.50 -6.10 27.98
N PRO A 243 15.12 -6.49 29.11
CA PRO A 243 16.57 -6.36 29.30
C PRO A 243 17.37 -7.00 28.18
N ILE A 244 18.38 -6.29 27.68
CA ILE A 244 19.18 -6.75 26.56
C ILE A 244 20.65 -6.79 26.93
N VAL A 245 21.25 -7.98 26.90
CA VAL A 245 22.69 -8.09 27.14
C VAL A 245 23.44 -8.49 25.87
N LEU A 246 24.41 -7.66 25.49
CA LEU A 246 25.25 -7.94 24.34
C LEU A 246 26.44 -8.78 24.78
N PRO A 247 26.48 -10.05 24.36
CA PRO A 247 27.49 -11.00 24.86
C PRO A 247 28.93 -10.56 24.64
N GLU A 248 29.81 -10.98 25.54
CA GLU A 248 31.25 -10.90 25.29
C GLU A 248 31.65 -12.11 24.47
N LYS A 249 32.30 -11.87 23.34
CA LYS A 249 32.75 -12.98 22.49
C LYS A 249 34.12 -12.67 21.89
N ASP A 250 35.03 -13.62 21.98
CA ASP A 250 36.30 -13.51 21.27
C ASP A 250 36.05 -13.67 19.77
N SER A 251 35.08 -14.50 19.43
CA SER A 251 34.77 -14.73 18.02
C SER A 251 33.28 -14.87 17.79
N TRP A 252 32.81 -14.29 16.69
CA TRP A 252 31.40 -14.29 16.37
C TRP A 252 31.04 -15.23 15.22
N THR A 253 30.06 -16.09 15.47
CA THR A 253 29.49 -16.92 14.42
C THR A 253 28.33 -16.19 13.76
N VAL A 254 28.01 -16.59 12.53
CA VAL A 254 26.80 -16.13 11.83
C VAL A 254 25.59 -16.06 12.77
N ASN A 255 25.37 -17.14 13.51
CA ASN A 255 24.25 -17.23 14.43
C ASN A 255 24.31 -16.17 15.58
N ASP A 256 25.50 -15.90 16.12
CA ASP A 256 25.64 -14.88 17.16
C ASP A 256 25.39 -13.47 16.60
N ILE A 257 25.84 -13.25 15.37
CA ILE A 257 25.70 -11.94 14.76
C ILE A 257 24.24 -11.67 14.38
N GLN A 258 23.53 -12.71 13.94
CA GLN A 258 22.12 -12.56 13.62
C GLN A 258 21.34 -12.18 14.87
N LYS A 259 21.65 -12.83 15.97
CA LYS A 259 20.94 -12.58 17.22
C LYS A 259 21.25 -11.19 17.76
N LEU A 260 22.51 -10.80 17.62
CA LEU A 260 22.97 -9.46 18.00
C LEU A 260 22.18 -8.41 17.23
N VAL A 261 22.13 -8.56 15.92
CA VAL A 261 21.38 -7.63 15.07
C VAL A 261 19.91 -7.60 15.46
N GLY A 262 19.37 -8.76 15.81
CA GLY A 262 17.98 -8.82 16.22
C GLY A 262 17.71 -8.01 17.47
N LYS A 263 18.52 -8.22 18.50
CA LYS A 263 18.36 -7.49 19.75
C LYS A 263 18.58 -5.99 19.55
N LEU A 264 19.55 -5.64 18.72
CA LEU A 264 19.86 -4.25 18.45
C LEU A 264 18.70 -3.56 17.73
N ASN A 265 18.15 -4.21 16.70
CA ASN A 265 16.96 -3.69 16.03
C ASN A 265 15.83 -3.50 17.02
N TRP A 266 15.70 -4.43 17.96
CA TRP A 266 14.59 -4.36 18.91
C TRP A 266 14.79 -3.23 19.92
N ALA A 267 16.05 -2.97 20.28
CA ALA A 267 16.36 -1.91 21.24
C ALA A 267 16.18 -0.54 20.60
N SER A 268 16.31 -0.49 19.29
CA SER A 268 16.31 0.78 18.58
C SER A 268 14.96 1.52 18.62
N GLN A 269 13.91 0.86 19.12
CA GLN A 269 12.63 1.55 19.20
C GLN A 269 12.52 2.43 20.43
N ILE A 270 13.57 2.42 21.27
CA ILE A 270 13.62 3.34 22.38
C ILE A 270 15.03 3.82 22.74
N TYR A 271 16.07 3.04 22.41
CA TYR A 271 17.44 3.54 22.48
C TYR A 271 17.83 4.24 21.17
N PRO A 272 18.04 5.56 21.23
CA PRO A 272 18.28 6.37 20.03
C PRO A 272 19.69 6.17 19.51
N GLY A 273 19.85 6.16 18.20
CA GLY A 273 21.18 6.13 17.62
C GLY A 273 21.80 4.75 17.38
N ILE A 274 21.05 3.68 17.66
CA ILE A 274 21.55 2.32 17.39
C ILE A 274 21.84 2.15 15.90
N LYS A 275 22.96 1.54 15.57
CA LYS A 275 23.26 1.23 14.18
C LYS A 275 23.61 -0.25 13.97
N VAL A 276 23.25 -0.78 12.81
CA VAL A 276 23.47 -2.20 12.52
C VAL A 276 24.03 -2.38 11.10
N ARG A 277 24.10 -1.29 10.37
CA ARG A 277 24.66 -1.29 9.02
C ARG A 277 25.90 -2.17 8.88
N GLN A 278 26.91 -1.91 9.70
CA GLN A 278 28.22 -2.55 9.53
C GLN A 278 28.20 -3.97 10.05
N LEU A 279 27.30 -4.26 10.98
CA LEU A 279 27.16 -5.63 11.44
C LEU A 279 26.41 -6.44 10.42
N CYS A 280 25.44 -5.82 9.75
CA CYS A 280 24.71 -6.47 8.67
C CYS A 280 25.58 -6.83 7.48
N LYS A 281 26.49 -5.94 7.08
CA LYS A 281 27.33 -6.22 5.92
C LYS A 281 28.02 -7.56 6.12
N LEU A 282 28.40 -7.84 7.36
CA LEU A 282 29.07 -9.07 7.72
C LEU A 282 28.28 -10.32 7.32
N LEU A 283 26.95 -10.19 7.37
CA LEU A 283 26.04 -11.32 7.15
C LEU A 283 25.86 -11.66 5.68
N ARG A 284 26.44 -10.85 4.80
CA ARG A 284 26.24 -10.99 3.36
C ARG A 284 26.89 -12.23 2.77
N GLY A 285 26.09 -13.04 2.06
CA GLY A 285 26.61 -14.28 1.52
C GLY A 285 25.96 -15.48 2.18
N THR A 286 26.12 -16.64 1.57
CA THR A 286 25.60 -17.88 2.14
C THR A 286 26.71 -18.53 2.95
N LYS A 287 26.62 -18.40 4.27
CA LYS A 287 27.56 -19.08 5.15
C LYS A 287 26.85 -19.89 6.22
N ALA A 288 27.55 -20.90 6.71
CA ALA A 288 27.01 -21.76 7.76
C ALA A 288 26.72 -20.92 9.00
N LEU A 289 25.69 -21.33 9.74
CA LEU A 289 25.32 -20.69 10.99
C LEU A 289 26.46 -20.76 12.01
N THR A 290 27.23 -21.85 11.94
CA THR A 290 28.31 -22.08 12.89
C THR A 290 29.59 -21.38 12.46
N GLU A 291 29.59 -20.80 11.28
CA GLU A 291 30.80 -20.18 10.77
C GLU A 291 31.19 -18.90 11.51
N VAL A 292 32.47 -18.78 11.82
CA VAL A 292 32.99 -17.59 12.47
C VAL A 292 33.32 -16.49 11.46
N ILE A 293 32.80 -15.30 11.72
CA ILE A 293 33.10 -14.15 10.86
C ILE A 293 33.94 -13.17 11.66
N PRO A 294 35.17 -12.89 11.18
CA PRO A 294 35.97 -11.85 11.84
C PRO A 294 35.32 -10.48 11.66
N LEU A 295 35.23 -9.71 12.74
CA LEU A 295 34.68 -8.37 12.64
C LEU A 295 35.61 -7.44 11.85
N THR A 296 35.05 -6.77 10.83
CA THR A 296 35.75 -5.64 10.23
C THR A 296 35.89 -4.56 11.31
N GLU A 297 36.78 -3.59 11.05
CA GLU A 297 36.99 -2.50 11.99
C GLU A 297 35.75 -1.62 12.08
N GLU A 298 35.12 -1.36 10.93
CA GLU A 298 33.87 -0.60 10.90
C GLU A 298 32.79 -1.30 11.73
N ALA A 299 32.68 -2.62 11.61
CA ALA A 299 31.70 -3.34 12.41
C ALA A 299 32.10 -3.25 13.87
N GLU A 300 33.41 -3.21 14.12
CA GLU A 300 33.92 -3.15 15.48
C GLU A 300 33.60 -1.78 16.10
N LEU A 301 33.80 -0.72 15.32
CA LEU A 301 33.43 0.62 15.75
C LEU A 301 31.93 0.70 16.03
N GLU A 302 31.15 0.00 15.21
CA GLU A 302 29.70 0.02 15.34
C GLU A 302 29.24 -0.67 16.60
N LEU A 303 29.81 -1.83 16.90
CA LEU A 303 29.43 -2.57 18.10
C LEU A 303 29.73 -1.76 19.35
N ALA A 304 30.86 -1.05 19.32
CA ALA A 304 31.28 -0.22 20.45
C ALA A 304 30.29 0.91 20.73
N GLU A 305 29.95 1.66 19.70
CA GLU A 305 29.03 2.77 19.85
C GLU A 305 27.65 2.28 20.32
N ASN A 306 27.19 1.14 19.79
CA ASN A 306 25.95 0.53 20.26
C ASN A 306 26.09 0.13 21.72
N ARG A 307 27.27 -0.37 22.09
CA ARG A 307 27.51 -0.81 23.46
C ARG A 307 27.44 0.38 24.40
N GLU A 308 27.89 1.54 23.92
CA GLU A 308 27.89 2.74 24.74
C GLU A 308 26.46 3.20 24.95
N ILE A 309 25.70 3.20 23.86
CA ILE A 309 24.29 3.60 23.91
C ILE A 309 23.51 2.76 24.92
N LEU A 310 23.78 1.46 24.95
CA LEU A 310 22.98 0.57 25.78
C LEU A 310 23.44 0.50 27.23
N LYS A 311 24.53 1.18 27.54
CA LYS A 311 25.19 1.01 28.84
C LYS A 311 24.30 1.51 30.00
N GLU A 312 23.61 2.61 29.78
CA GLU A 312 22.69 3.14 30.79
C GLU A 312 21.25 2.91 30.33
N PRO A 313 20.37 2.48 31.25
CA PRO A 313 18.96 2.24 30.90
C PRO A 313 18.28 3.48 30.34
N VAL A 314 17.40 3.24 29.37
CA VAL A 314 16.56 4.29 28.80
C VAL A 314 15.12 3.84 28.77
N HIS A 315 14.19 4.76 28.96
CA HIS A 315 12.78 4.41 28.92
C HIS A 315 11.97 5.36 28.06
N GLY A 316 10.81 4.87 27.61
CA GLY A 316 9.88 5.72 26.90
C GLY A 316 8.69 6.10 27.77
N VAL A 317 8.01 7.16 27.38
CA VAL A 317 6.89 7.68 28.17
C VAL A 317 5.59 7.31 27.47
N TYR A 318 4.45 7.49 28.15
CA TYR A 318 3.16 7.16 27.54
C TYR A 318 2.50 8.36 26.86
N TYR A 319 1.34 8.13 26.25
CA TYR A 319 0.75 9.10 25.35
C TYR A 319 -0.31 9.99 26.02
N ASP A 320 -0.18 11.29 25.84
CA ASP A 320 -1.18 12.25 26.29
C ASP A 320 -1.89 12.81 25.07
N PRO A 321 -3.14 12.42 24.87
CA PRO A 321 -3.90 12.83 23.67
C PRO A 321 -4.15 14.32 23.56
N SER A 322 -3.95 15.06 24.65
CA SER A 322 -4.22 16.50 24.62
C SER A 322 -2.99 17.34 24.24
N LYS A 323 -1.85 16.70 23.99
CA LYS A 323 -0.66 17.41 23.52
C LYS A 323 -0.27 16.98 22.11
N ASP A 324 0.50 17.80 21.40
CA ASP A 324 0.93 17.48 20.02
C ASP A 324 2.01 16.40 19.98
N LEU A 325 2.12 15.72 18.84
CA LEU A 325 3.22 14.77 18.61
C LEU A 325 4.28 15.46 17.76
N ILE A 326 5.53 15.39 18.19
CA ILE A 326 6.63 15.95 17.42
C ILE A 326 7.56 14.81 17.01
N ALA A 327 7.91 14.75 15.72
CA ALA A 327 8.87 13.75 15.24
C ALA A 327 10.10 14.46 14.67
N GLU A 328 11.28 14.11 15.19
CA GLU A 328 12.55 14.65 14.72
C GLU A 328 13.35 13.55 14.02
N ILE A 329 13.95 13.89 12.89
CA ILE A 329 14.77 12.96 12.11
C ILE A 329 16.19 13.51 11.97
N GLN A 330 17.18 12.66 12.17
CA GLN A 330 18.57 13.06 11.88
C GLN A 330 19.22 12.07 10.91
N LYS A 331 20.09 12.61 10.07
CA LYS A 331 20.93 11.82 9.16
C LYS A 331 22.08 11.22 9.95
N GLN A 332 22.28 9.91 9.80
CA GLN A 332 23.40 9.23 10.45
C GLN A 332 24.45 8.72 9.48
N GLY A 333 24.19 8.92 8.18
CA GLY A 333 25.22 8.68 7.19
C GLY A 333 25.13 7.31 6.58
N GLN A 334 25.54 7.21 5.32
CA GLN A 334 25.52 5.92 4.63
C GLN A 334 24.07 5.45 4.53
N GLY A 335 23.16 6.37 4.23
CA GLY A 335 21.77 6.01 4.03
C GLY A 335 21.03 5.64 5.31
N GLN A 336 21.61 6.02 6.44
CA GLN A 336 21.04 5.69 7.75
C GLN A 336 20.36 6.89 8.40
N TRP A 337 19.12 6.69 8.83
CA TRP A 337 18.35 7.76 9.43
C TRP A 337 17.82 7.33 10.78
N THR A 338 17.73 8.26 11.70
CA THR A 338 17.29 7.93 13.04
C THR A 338 16.24 8.97 13.40
N TYR A 339 15.23 8.58 14.16
CA TYR A 339 14.18 9.51 14.56
C TYR A 339 13.75 9.35 16.00
N GLN A 340 13.08 10.36 16.53
CA GLN A 340 12.52 10.32 17.88
C GLN A 340 11.14 10.91 17.80
N ILE A 341 10.25 10.44 18.65
CA ILE A 341 8.93 11.03 18.72
C ILE A 341 8.60 11.36 20.16
N TYR A 342 8.26 12.62 20.41
CA TYR A 342 8.00 13.06 21.77
C TYR A 342 6.88 14.07 21.77
N GLN A 343 6.38 14.39 22.95
CA GLN A 343 5.36 15.40 23.09
C GLN A 343 5.93 16.57 23.89
N GLU A 344 6.55 16.28 25.02
CA GLU A 344 7.27 17.28 25.77
C GLU A 344 8.74 17.06 25.46
N PRO A 345 9.47 18.13 25.10
CA PRO A 345 10.81 17.99 24.53
C PRO A 345 11.72 17.03 25.27
N PHE A 346 11.97 15.93 24.57
CA PHE A 346 13.06 15.00 24.79
C PHE A 346 12.68 13.91 25.77
N LYS A 347 11.40 13.93 26.18
CA LYS A 347 10.77 12.78 26.80
C LYS A 347 10.12 11.92 25.71
N ASN A 348 10.89 11.00 25.14
CA ASN A 348 10.46 10.28 23.95
C ASN A 348 9.37 9.29 24.27
N LEU A 349 8.34 9.23 23.42
CA LEU A 349 7.40 8.12 23.44
C LEU A 349 8.10 6.92 22.83
N LYS A 350 8.80 7.13 21.72
CA LYS A 350 9.59 6.07 21.11
C LYS A 350 10.63 6.64 20.17
N THR A 351 11.56 5.78 19.77
CA THR A 351 12.52 6.14 18.74
C THR A 351 12.42 5.10 17.62
N GLY A 352 13.13 5.35 16.53
CA GLY A 352 13.22 4.36 15.48
C GLY A 352 14.39 4.68 14.59
N LYS A 353 14.68 3.79 13.66
CA LYS A 353 15.68 4.06 12.63
C LYS A 353 15.11 3.66 11.28
N TYR A 354 15.65 4.27 10.24
CA TYR A 354 15.23 4.00 8.88
C TYR A 354 16.50 3.96 8.05
N ALA A 355 16.71 2.87 7.33
CA ALA A 355 17.93 2.69 6.57
C ALA A 355 17.62 1.89 5.32
N ARG A 356 16.47 2.16 4.72
CA ARG A 356 16.07 1.48 3.50
C ARG A 356 16.62 2.24 2.31
N MET A 357 16.79 1.54 1.19
CA MET A 357 17.01 2.22 -0.09
C MET A 357 15.98 1.78 -1.12
N ARG A 358 15.35 2.76 -1.76
CA ARG A 358 14.41 2.48 -2.83
C ARG A 358 15.07 2.83 -4.16
N GLY A 359 15.33 1.80 -4.97
CA GLY A 359 16.08 1.99 -6.19
C GLY A 359 17.57 1.78 -5.97
N ALA A 360 18.33 1.81 -7.07
CA ALA A 360 19.77 1.64 -7.01
C ALA A 360 20.47 2.97 -6.74
N HIS A 361 19.86 4.06 -7.21
CA HIS A 361 20.47 5.37 -7.10
C HIS A 361 19.49 6.31 -6.41
N THR A 362 19.99 7.13 -5.50
CA THR A 362 19.11 8.05 -4.81
C THR A 362 19.83 9.26 -4.23
N ASN A 363 19.07 10.22 -3.73
CA ASN A 363 19.65 11.34 -3.01
C ASN A 363 19.01 11.52 -1.63
N ASP A 364 19.73 12.22 -0.76
CA ASP A 364 19.29 12.49 0.59
C ASP A 364 17.89 13.13 0.69
N VAL A 365 17.48 13.88 -0.31
CA VAL A 365 16.17 14.50 -0.21
C VAL A 365 15.04 13.48 -0.42
N LYS A 366 15.21 12.56 -1.36
CA LYS A 366 14.28 11.46 -1.54
C LYS A 366 14.23 10.60 -0.29
N GLN A 367 15.40 10.21 0.21
CA GLN A 367 15.49 9.32 1.36
C GLN A 367 14.81 9.92 2.59
N LEU A 368 15.07 11.19 2.86
CA LEU A 368 14.46 11.88 3.98
C LEU A 368 12.93 11.85 3.86
N THR A 369 12.42 12.08 2.65
CA THR A 369 10.99 12.07 2.38
C THR A 369 10.38 10.68 2.58
N GLU A 370 11.12 9.63 2.23
CA GLU A 370 10.67 8.27 2.47
C GLU A 370 10.61 7.93 3.96
N ALA A 371 11.58 8.45 4.70
CA ALA A 371 11.58 8.31 6.15
C ALA A 371 10.37 9.01 6.76
N VAL A 372 10.07 10.22 6.28
CA VAL A 372 8.86 10.89 6.75
C VAL A 372 7.59 10.10 6.44
N GLN A 373 7.50 9.50 5.25
CA GLN A 373 6.34 8.70 4.90
C GLN A 373 6.21 7.53 5.86
N LYS A 374 7.31 6.81 6.06
CA LYS A 374 7.30 5.68 6.98
C LYS A 374 6.82 6.11 8.37
N ILE A 375 7.33 7.24 8.85
CA ILE A 375 6.99 7.69 10.19
C ILE A 375 5.54 8.18 10.26
N THR A 376 5.05 8.75 9.18
CA THR A 376 3.65 9.14 9.11
C THR A 376 2.70 7.93 9.23
N THR A 377 2.97 6.87 8.48
CA THR A 377 2.11 5.70 8.54
C THR A 377 2.15 5.10 9.94
N GLU A 378 3.36 5.00 10.50
CA GLU A 378 3.51 4.49 11.86
C GLU A 378 2.71 5.30 12.89
N SER A 379 2.76 6.62 12.80
CA SER A 379 2.05 7.48 13.73
C SER A 379 0.54 7.28 13.63
N ILE A 380 0.04 7.15 12.42
CA ILE A 380 -1.38 6.93 12.22
C ILE A 380 -1.81 5.59 12.86
N VAL A 381 -1.05 4.53 12.64
CA VAL A 381 -1.30 3.28 13.36
C VAL A 381 -1.26 3.45 14.88
N ILE A 382 -0.19 4.04 15.38
CA ILE A 382 -0.01 4.08 16.83
C ILE A 382 -0.88 5.12 17.54
N TRP A 383 -1.01 6.32 16.96
CA TRP A 383 -1.73 7.40 17.62
C TRP A 383 -3.00 7.86 16.92
N GLY A 384 -3.13 7.56 15.63
CA GLY A 384 -4.33 7.93 14.91
C GLY A 384 -4.25 9.34 14.37
N LYS A 385 -3.04 9.87 14.34
CA LYS A 385 -2.80 11.18 13.73
C LYS A 385 -1.33 11.34 13.37
N THR A 386 -1.05 12.26 12.45
CA THR A 386 0.31 12.49 11.98
C THR A 386 1.02 13.42 12.94
N PRO A 387 2.34 13.27 13.10
CA PRO A 387 3.07 14.17 13.98
C PRO A 387 3.40 15.49 13.27
N LYS A 388 3.83 16.47 14.04
CA LYS A 388 4.53 17.64 13.48
C LYS A 388 5.98 17.25 13.26
N PHE A 389 6.51 17.49 12.07
CA PHE A 389 7.90 17.09 11.81
C PHE A 389 8.94 18.19 12.02
N LYS A 390 10.11 17.79 12.50
CA LYS A 390 11.27 18.70 12.55
C LYS A 390 12.40 18.09 11.73
N LEU A 391 12.73 18.73 10.61
CA LEU A 391 13.63 18.14 9.62
C LEU A 391 14.93 18.91 9.40
N PRO A 392 16.04 18.18 9.22
CA PRO A 392 17.38 18.71 8.99
C PRO A 392 17.58 19.18 7.55
N ILE A 393 16.58 19.85 7.00
CA ILE A 393 16.68 20.32 5.63
C ILE A 393 16.00 21.68 5.52
N GLN A 394 16.58 22.55 4.70
CA GLN A 394 16.05 23.89 4.52
C GLN A 394 14.79 23.86 3.65
N LYS A 395 13.80 24.66 4.03
CA LYS A 395 12.55 24.72 3.27
C LYS A 395 12.80 24.98 1.80
N GLU A 396 13.77 25.84 1.51
CA GLU A 396 14.12 26.19 0.14
C GLU A 396 14.79 25.03 -0.58
N THR A 397 15.61 24.26 0.12
CA THR A 397 16.21 23.09 -0.48
C THR A 397 15.09 22.14 -0.90
N TRP A 398 14.12 21.95 -0.01
CA TRP A 398 13.12 20.92 -0.23
C TRP A 398 12.19 21.29 -1.37
N GLU A 399 11.80 22.56 -1.44
CA GLU A 399 10.91 22.99 -2.51
C GLU A 399 11.68 23.07 -3.83
N THR A 400 12.97 23.37 -3.77
CA THR A 400 13.78 23.36 -4.99
C THR A 400 13.76 21.97 -5.60
N TRP A 401 13.90 20.94 -4.77
CA TRP A 401 13.97 19.58 -5.28
C TRP A 401 12.62 19.10 -5.81
N TRP A 402 11.56 19.30 -5.04
CA TRP A 402 10.31 18.63 -5.33
C TRP A 402 9.42 19.34 -6.34
N THR A 403 9.62 20.65 -6.49
CA THR A 403 8.90 21.38 -7.51
C THR A 403 9.49 21.03 -8.86
N GLU A 404 10.78 20.69 -8.85
CA GLU A 404 11.50 20.35 -10.07
C GLU A 404 11.47 18.87 -10.42
N TYR A 405 11.28 18.02 -9.42
CA TYR A 405 11.35 16.57 -9.63
C TYR A 405 10.05 16.10 -10.29
N TRP A 406 10.11 15.00 -11.02
CA TRP A 406 8.96 14.63 -11.84
C TRP A 406 7.89 13.82 -11.11
N GLN A 407 8.26 13.21 -9.99
CA GLN A 407 7.29 12.49 -9.16
C GLN A 407 6.60 13.45 -8.20
N ALA A 408 5.38 13.11 -7.81
CA ALA A 408 4.64 13.92 -6.84
C ALA A 408 5.04 13.55 -5.41
N THR A 409 5.01 14.52 -4.50
CA THR A 409 5.06 14.20 -3.08
C THR A 409 4.28 15.15 -2.19
N TRP A 410 4.28 14.82 -0.90
CA TRP A 410 3.68 15.66 0.11
C TRP A 410 3.96 15.11 1.49
N ILE A 411 4.71 15.87 2.28
CA ILE A 411 4.85 15.58 3.69
C ILE A 411 4.04 16.60 4.45
N PRO A 412 3.40 16.18 5.55
CA PRO A 412 2.63 17.10 6.40
C PRO A 412 3.55 18.14 7.05
N GLU A 413 2.93 19.04 7.81
CA GLU A 413 3.60 20.09 8.57
C GLU A 413 5.02 19.74 9.01
N TRP A 414 5.99 20.54 8.58
CA TRP A 414 7.34 20.44 9.14
C TRP A 414 8.02 21.78 9.31
N GLU A 415 8.98 21.81 10.22
CA GLU A 415 9.84 22.96 10.45
C GLU A 415 11.28 22.50 10.28
N PHE A 416 12.12 23.40 9.75
CA PHE A 416 13.54 23.18 9.68
C PHE A 416 14.10 23.15 11.08
N VAL A 417 15.04 22.25 11.32
CA VAL A 417 15.77 22.27 12.57
C VAL A 417 17.23 22.05 12.24
N ASN A 418 18.09 22.87 12.82
CA ASN A 418 19.49 22.88 12.44
C ASN A 418 20.28 21.82 13.20
N THR A 419 20.14 20.57 12.79
CA THR A 419 20.81 19.46 13.46
C THR A 419 21.65 18.70 12.45
N PRO A 420 22.86 19.21 12.16
CA PRO A 420 23.71 18.65 11.10
C PRO A 420 24.00 17.17 11.34
N PRO A 421 24.36 16.43 10.28
CA PRO A 421 24.50 16.95 8.92
C PRO A 421 23.17 17.36 8.31
N LEU A 422 23.13 18.55 7.71
CA LEU A 422 21.96 18.99 6.99
C LEU A 422 21.91 18.29 5.65
N VAL A 423 20.71 18.05 5.15
CA VAL A 423 20.56 17.51 3.81
C VAL A 423 20.43 18.64 2.79
N LYS A 424 21.21 18.50 1.73
CA LYS A 424 21.23 19.50 0.66
C LYS A 424 21.46 18.83 -0.67
N LEU A 425 21.09 19.52 -1.73
CA LEU A 425 21.41 19.09 -3.08
C LEU A 425 22.86 19.45 -3.39
N TRP A 426 23.62 18.49 -3.89
CA TRP A 426 25.07 18.64 -4.03
C TRP A 426 25.50 19.21 -5.37
N TYR A 427 24.67 19.03 -6.38
CA TYR A 427 24.84 19.70 -7.66
C TYR A 427 23.48 19.98 -8.25
N GLN A 428 23.45 20.85 -9.27
CA GLN A 428 22.23 21.14 -10.01
C GLN A 428 22.58 21.06 -11.50
N LEU A 429 21.80 20.30 -12.25
CA LEU A 429 21.95 20.27 -13.69
C LEU A 429 21.35 21.54 -14.27
N GLU A 430 22.04 22.11 -15.26
CA GLU A 430 21.55 23.29 -15.95
C GLU A 430 20.22 23.03 -16.63
N LYS A 431 19.43 24.09 -16.80
CA LYS A 431 18.12 23.98 -17.44
C LYS A 431 18.21 24.26 -18.93
N GLU A 432 19.22 25.02 -19.33
CA GLU A 432 19.44 25.38 -20.72
C GLU A 432 20.88 25.08 -21.12
N PRO A 433 21.12 24.76 -22.39
CA PRO A 433 22.50 24.56 -22.85
C PRO A 433 23.36 25.79 -22.61
N ILE A 434 24.64 25.54 -22.37
CA ILE A 434 25.59 26.57 -21.96
C ILE A 434 26.31 27.12 -23.19
N VAL A 435 26.32 28.44 -23.34
CA VAL A 435 27.11 29.06 -24.39
C VAL A 435 28.58 29.06 -24.02
N GLY A 436 29.43 28.72 -24.99
CA GLY A 436 30.87 28.77 -24.75
C GLY A 436 31.36 27.63 -23.89
N ALA A 437 30.56 26.57 -23.81
CA ALA A 437 30.99 25.33 -23.18
C ALA A 437 31.07 24.25 -24.24
N GLU A 438 32.16 23.50 -24.21
CA GLU A 438 32.36 22.43 -25.19
C GLU A 438 31.17 21.47 -25.16
N THR A 439 30.78 20.98 -26.33
CA THR A 439 29.68 20.01 -26.41
C THR A 439 30.17 18.61 -26.80
N PHE A 440 30.18 17.70 -25.81
CA PHE A 440 30.52 16.30 -26.04
C PHE A 440 29.31 15.48 -26.49
N TYR A 441 29.42 14.86 -27.65
CA TYR A 441 28.43 13.89 -28.06
C TYR A 441 28.91 12.49 -27.66
N VAL A 442 28.39 11.96 -26.56
CA VAL A 442 28.89 10.70 -26.04
C VAL A 442 28.09 9.53 -26.57
N ASP A 443 28.68 8.35 -26.46
CA ASP A 443 27.96 7.12 -26.77
C ASP A 443 28.72 5.89 -26.32
N GLY A 444 27.99 4.79 -26.21
CA GLY A 444 28.57 3.54 -25.76
C GLY A 444 27.77 2.40 -26.34
N ALA A 445 28.44 1.29 -26.63
CA ALA A 445 27.79 0.14 -27.23
C ALA A 445 28.52 -1.13 -26.85
N ALA A 446 27.76 -2.19 -26.57
CA ALA A 446 28.35 -3.47 -26.19
C ALA A 446 27.81 -4.62 -27.04
N ASN A 447 28.72 -5.44 -27.56
CA ASN A 447 28.34 -6.63 -28.32
C ASN A 447 27.74 -7.67 -27.39
N ARG A 448 26.50 -8.09 -27.69
CA ARG A 448 25.76 -8.98 -26.80
C ARG A 448 26.52 -10.28 -26.52
N GLU A 449 27.14 -10.83 -27.55
CA GLU A 449 27.87 -12.09 -27.41
C GLU A 449 29.27 -11.87 -26.81
N THR A 450 30.05 -11.01 -27.43
CA THR A 450 31.40 -10.70 -26.96
C THR A 450 31.40 -10.28 -25.48
N LYS A 451 30.33 -9.62 -25.05
CA LYS A 451 30.25 -9.03 -23.73
C LYS A 451 31.35 -7.99 -23.51
N LEU A 452 31.95 -7.54 -24.59
CA LEU A 452 32.91 -6.44 -24.54
C LEU A 452 32.36 -5.25 -25.32
N GLY A 453 32.73 -4.05 -24.91
CA GLY A 453 32.18 -2.86 -25.53
C GLY A 453 33.13 -1.69 -25.65
N LYS A 454 32.59 -0.58 -26.15
CA LYS A 454 33.37 0.65 -26.30
C LYS A 454 32.58 1.85 -25.77
N ALA A 455 33.32 2.82 -25.25
CA ALA A 455 32.74 4.09 -24.82
C ALA A 455 33.62 5.24 -25.31
N GLY A 456 32.99 6.29 -25.80
CA GLY A 456 33.77 7.41 -26.30
C GLY A 456 32.95 8.67 -26.51
N TYR A 457 33.53 9.64 -27.19
CA TYR A 457 32.81 10.86 -27.52
C TYR A 457 33.44 11.56 -28.70
N VAL A 458 32.66 12.42 -29.34
CA VAL A 458 33.15 13.36 -30.33
C VAL A 458 32.81 14.75 -29.81
N THR A 459 33.63 15.74 -30.15
CA THR A 459 33.38 17.12 -29.73
C THR A 459 33.14 18.09 -30.89
N ASN A 460 32.44 19.18 -30.60
CA ASN A 460 32.18 20.22 -31.59
C ASN A 460 33.47 20.99 -31.82
N ARG A 461 34.40 20.87 -30.87
CA ARG A 461 35.74 21.43 -31.01
C ARG A 461 36.69 20.41 -31.61
N GLY A 462 36.13 19.37 -32.22
CA GLY A 462 36.94 18.43 -32.99
C GLY A 462 37.68 17.39 -32.16
N ARG A 463 37.60 17.50 -30.84
CA ARG A 463 38.26 16.56 -29.97
C ARG A 463 37.58 15.20 -30.00
N GLN A 464 38.24 14.17 -29.50
CA GLN A 464 37.66 12.82 -29.51
C GLN A 464 38.51 11.79 -28.77
N LYS A 465 37.83 10.77 -28.24
CA LYS A 465 38.49 9.65 -27.57
C LYS A 465 37.57 8.45 -27.62
N VAL A 466 38.15 7.26 -27.56
CA VAL A 466 37.40 6.01 -27.48
C VAL A 466 38.15 5.10 -26.52
N VAL A 467 37.43 4.40 -25.65
CA VAL A 467 38.05 3.42 -24.76
C VAL A 467 37.36 2.07 -24.87
N THR A 468 38.13 1.01 -24.65
CA THR A 468 37.61 -0.33 -24.76
C THR A 468 37.27 -0.88 -23.37
N LEU A 469 36.14 -1.57 -23.28
CA LEU A 469 35.69 -2.07 -22.00
C LEU A 469 35.40 -3.58 -22.02
N THR A 470 35.76 -4.24 -20.92
CA THR A 470 35.55 -5.66 -20.77
C THR A 470 34.27 -5.91 -19.96
N ASP A 471 33.71 -7.11 -20.07
CA ASP A 471 32.60 -7.53 -19.21
C ASP A 471 31.42 -6.55 -19.15
N THR A 472 31.31 -5.68 -20.15
CA THR A 472 30.37 -4.57 -20.07
C THR A 472 29.05 -4.79 -20.80
N THR A 473 28.00 -4.15 -20.31
CA THR A 473 26.69 -4.16 -20.95
C THR A 473 26.45 -2.82 -21.63
N ASN A 474 25.44 -2.76 -22.50
CA ASN A 474 25.12 -1.51 -23.18
C ASN A 474 24.84 -0.39 -22.20
N GLN A 475 24.21 -0.74 -21.08
CA GLN A 475 23.90 0.25 -20.05
C GLN A 475 25.16 0.82 -19.43
N LYS A 476 26.11 -0.04 -19.10
CA LYS A 476 27.34 0.41 -18.47
C LYS A 476 28.17 1.29 -19.40
N THR A 477 28.20 0.97 -20.67
CA THR A 477 29.06 1.70 -21.60
C THR A 477 28.55 3.11 -21.84
N GLU A 478 27.25 3.31 -21.66
CA GLU A 478 26.65 4.63 -21.82
C GLU A 478 26.92 5.52 -20.61
N LEU A 479 26.96 4.93 -19.41
CA LEU A 479 27.37 5.67 -18.23
C LEU A 479 28.87 6.00 -18.33
N GLN A 480 29.62 5.06 -18.88
CA GLN A 480 31.06 5.19 -19.02
C GLN A 480 31.37 6.32 -19.99
N ALA A 481 30.61 6.39 -21.07
CA ALA A 481 30.82 7.43 -22.05
C ALA A 481 30.56 8.79 -21.43
N ILE A 482 29.55 8.89 -20.58
CA ILE A 482 29.26 10.16 -19.92
C ILE A 482 30.38 10.49 -18.92
N TYR A 483 30.91 9.46 -18.29
CA TYR A 483 31.99 9.65 -17.33
C TYR A 483 33.26 10.17 -18.00
N LEU A 484 33.54 9.68 -19.21
CA LEU A 484 34.67 10.18 -19.98
C LEU A 484 34.51 11.66 -20.26
N ALA A 485 33.32 12.04 -20.70
CA ALA A 485 33.04 13.41 -21.08
C ALA A 485 33.33 14.33 -19.91
N LEU A 486 32.98 13.89 -18.71
CA LEU A 486 33.15 14.73 -17.53
C LEU A 486 34.62 14.78 -17.10
N GLN A 487 35.32 13.68 -17.31
CA GLN A 487 36.72 13.60 -16.94
C GLN A 487 37.59 14.49 -17.84
N ASP A 488 37.18 14.65 -19.09
CA ASP A 488 38.02 15.33 -20.08
C ASP A 488 37.55 16.73 -20.41
N SER A 489 36.50 17.20 -19.75
CA SER A 489 35.97 18.52 -20.04
C SER A 489 36.34 19.50 -18.95
N GLY A 490 36.12 20.78 -19.22
CA GLY A 490 36.37 21.80 -18.22
C GLY A 490 35.20 21.96 -17.27
N LEU A 491 35.23 23.04 -16.49
CA LEU A 491 34.24 23.28 -15.47
C LEU A 491 32.82 23.47 -15.99
N GLU A 492 32.69 23.98 -17.21
CA GLU A 492 31.38 24.02 -17.85
C GLU A 492 31.36 23.03 -19.01
N VAL A 493 30.22 22.38 -19.24
CA VAL A 493 30.15 21.39 -20.31
C VAL A 493 28.75 20.99 -20.72
N ASN A 494 28.52 20.88 -22.03
CA ASN A 494 27.28 20.31 -22.52
C ASN A 494 27.54 18.86 -22.93
N ILE A 495 26.60 17.99 -22.61
CA ILE A 495 26.72 16.58 -22.95
C ILE A 495 25.47 16.07 -23.64
N VAL A 496 25.65 15.43 -24.80
CA VAL A 496 24.53 14.92 -25.55
C VAL A 496 24.60 13.40 -25.62
N THR A 497 23.66 12.73 -24.98
CA THR A 497 23.62 11.28 -25.00
C THR A 497 22.36 10.81 -25.72
N ASP A 498 22.32 9.54 -26.09
CA ASP A 498 21.08 8.97 -26.61
C ASP A 498 20.63 7.80 -25.75
N SER A 499 21.17 7.73 -24.54
CA SER A 499 20.75 6.72 -23.57
C SER A 499 19.72 7.29 -22.60
N GLN A 500 18.45 6.98 -22.83
CA GLN A 500 17.40 7.37 -21.87
C GLN A 500 17.78 6.87 -20.49
N TYR A 501 18.25 5.63 -20.43
CA TYR A 501 18.67 5.03 -19.18
C TYR A 501 19.63 5.93 -18.41
N ALA A 502 20.70 6.35 -19.07
CA ALA A 502 21.67 7.22 -18.42
C ALA A 502 21.05 8.57 -18.09
N LEU A 503 20.29 9.12 -19.02
CA LEU A 503 19.64 10.41 -18.80
C LEU A 503 18.85 10.33 -17.51
N GLY A 504 18.01 9.30 -17.39
CA GLY A 504 17.18 9.13 -16.22
C GLY A 504 17.94 9.19 -14.90
N ILE A 505 18.97 8.38 -14.78
CA ILE A 505 19.75 8.34 -13.56
C ILE A 505 20.27 9.73 -13.21
N ILE A 506 20.90 10.39 -14.17
CA ILE A 506 21.59 11.64 -13.87
C ILE A 506 20.55 12.73 -13.61
N GLN A 507 19.50 12.70 -14.41
CA GLN A 507 18.43 13.68 -14.30
C GLN A 507 17.87 13.77 -12.87
N ALA A 508 17.87 12.64 -12.17
CA ALA A 508 17.31 12.56 -10.82
C ALA A 508 18.26 13.07 -9.74
N GLN A 509 19.41 13.57 -10.18
CA GLN A 509 20.39 14.19 -9.29
C GLN A 509 20.76 13.35 -8.08
N PRO A 510 21.15 12.08 -8.30
CA PRO A 510 21.62 11.19 -7.24
C PRO A 510 22.88 11.68 -6.54
N ASP A 511 22.92 11.51 -5.23
CA ASP A 511 24.14 11.79 -4.49
C ASP A 511 24.75 10.53 -3.89
N GLN A 512 24.11 9.38 -4.14
CA GLN A 512 24.63 8.11 -3.67
C GLN A 512 24.07 6.97 -4.53
N SER A 513 24.89 5.95 -4.77
CA SER A 513 24.47 4.85 -5.63
C SER A 513 25.08 3.49 -5.28
N GLU A 514 24.45 2.45 -5.82
CA GLU A 514 25.00 1.11 -5.73
C GLU A 514 26.12 0.89 -6.75
N SER A 515 26.03 1.59 -7.88
CA SER A 515 27.03 1.49 -8.94
C SER A 515 28.29 2.32 -8.67
N GLU A 516 29.45 1.68 -8.82
CA GLU A 516 30.73 2.35 -8.64
C GLU A 516 30.87 3.52 -9.60
N LEU A 517 30.48 3.29 -10.85
CA LEU A 517 30.58 4.30 -11.89
C LEU A 517 29.75 5.51 -11.48
N VAL A 518 28.48 5.27 -11.15
CA VAL A 518 27.55 6.34 -10.85
C VAL A 518 28.11 7.22 -9.76
N ASN A 519 28.80 6.61 -8.81
CA ASN A 519 29.46 7.40 -7.78
C ASN A 519 30.63 8.23 -8.33
N GLN A 520 31.38 7.66 -9.27
CA GLN A 520 32.43 8.44 -9.93
C GLN A 520 31.79 9.59 -10.71
N ILE A 521 30.72 9.29 -11.43
CA ILE A 521 30.00 10.32 -12.15
C ILE A 521 29.52 11.40 -11.19
N ILE A 522 28.98 10.99 -10.05
CA ILE A 522 28.47 11.95 -9.08
C ILE A 522 29.56 12.88 -8.58
N GLU A 523 30.72 12.32 -8.25
CA GLU A 523 31.82 13.12 -7.75
C GLU A 523 32.26 14.16 -8.77
N GLN A 524 32.27 13.77 -10.05
CA GLN A 524 32.54 14.71 -11.13
C GLN A 524 31.53 15.85 -11.15
N LEU A 525 30.25 15.50 -11.16
CA LEU A 525 29.20 16.48 -11.33
C LEU A 525 29.29 17.52 -10.21
N ILE A 526 29.75 17.09 -9.05
CA ILE A 526 29.90 18.00 -7.93
C ILE A 526 31.04 18.98 -8.15
N LYS A 527 32.13 18.51 -8.77
CA LYS A 527 33.29 19.37 -9.03
C LYS A 527 33.03 20.40 -10.12
N LYS A 528 32.09 20.11 -11.02
CA LYS A 528 31.78 21.01 -12.12
C LYS A 528 31.13 22.32 -11.65
N GLU A 529 31.07 23.30 -12.54
CA GLU A 529 30.35 24.53 -12.25
C GLU A 529 29.01 24.53 -12.98
N LYS A 530 29.00 23.99 -14.20
CA LYS A 530 27.79 23.86 -14.97
C LYS A 530 27.84 22.57 -15.79
N VAL A 531 26.74 21.83 -15.78
CA VAL A 531 26.57 20.71 -16.67
C VAL A 531 25.19 20.77 -17.29
N TYR A 532 25.11 20.66 -18.60
CA TYR A 532 23.83 20.51 -19.27
C TYR A 532 23.77 19.17 -19.98
N LEU A 533 22.71 18.40 -19.74
CA LEU A 533 22.59 17.04 -20.26
C LEU A 533 21.42 16.99 -21.20
N ALA A 534 21.63 16.50 -22.42
CA ALA A 534 20.57 16.47 -23.42
C ALA A 534 20.47 15.09 -24.05
N TRP A 535 19.29 14.76 -24.55
CA TRP A 535 19.06 13.45 -25.15
C TRP A 535 18.62 13.57 -26.61
N VAL A 536 19.15 12.68 -27.44
CA VAL A 536 18.78 12.60 -28.84
C VAL A 536 18.41 11.16 -29.19
N PRO A 537 17.53 10.98 -30.19
CA PRO A 537 17.23 9.63 -30.69
C PRO A 537 18.42 9.00 -31.38
N ALA A 538 18.74 7.76 -31.02
CA ALA A 538 19.84 7.06 -31.68
C ALA A 538 19.50 6.78 -33.14
N HIS A 539 20.51 6.49 -33.94
CA HIS A 539 20.33 5.98 -35.30
C HIS A 539 19.32 6.78 -36.11
N LYS A 540 19.18 8.07 -35.81
CA LYS A 540 18.34 8.93 -36.64
C LYS A 540 19.18 9.87 -37.50
N GLY A 541 20.48 9.63 -37.51
CA GLY A 541 21.38 10.42 -38.34
C GLY A 541 21.50 11.82 -37.81
N ILE A 542 21.53 11.95 -36.49
CA ILE A 542 21.54 13.25 -35.86
C ILE A 542 22.95 13.81 -35.69
N GLY A 543 23.09 15.10 -35.91
CA GLY A 543 24.23 15.85 -35.43
C GLY A 543 25.47 15.04 -35.16
N GLY A 544 26.13 15.31 -34.04
CA GLY A 544 27.37 14.63 -33.74
C GLY A 544 27.16 13.20 -33.26
N ASN A 545 25.94 12.90 -32.84
CA ASN A 545 25.64 11.58 -32.31
C ASN A 545 25.99 10.50 -33.32
N GLU A 546 25.81 10.81 -34.60
CA GLU A 546 26.10 9.88 -35.67
C GLU A 546 27.59 9.51 -35.68
N GLN A 547 28.45 10.51 -35.53
CA GLN A 547 29.88 10.28 -35.56
C GLN A 547 30.32 9.36 -34.44
N VAL A 548 30.01 9.73 -33.21
CA VAL A 548 30.46 8.96 -32.06
C VAL A 548 29.79 7.59 -32.08
N ASP A 549 28.67 7.49 -32.79
CA ASP A 549 27.95 6.23 -32.92
C ASP A 549 28.85 5.22 -33.63
N LYS A 550 29.28 5.57 -34.84
CA LYS A 550 30.09 4.65 -35.63
C LYS A 550 31.49 4.47 -35.05
N LEU A 551 32.04 5.54 -34.49
CA LEU A 551 33.37 5.48 -33.89
C LEU A 551 33.39 4.37 -32.84
N VAL A 552 32.26 4.19 -32.16
CA VAL A 552 32.17 3.26 -31.03
C VAL A 552 31.52 1.95 -31.44
N SER A 553 30.83 1.95 -32.58
CA SER A 553 30.15 0.75 -33.07
C SER A 553 31.15 -0.29 -33.58
N ALA A 554 32.26 0.19 -34.13
CA ALA A 554 33.26 -0.69 -34.74
C ALA A 554 33.82 -1.69 -33.74
N GLY A 555 33.62 -2.98 -34.02
CA GLY A 555 34.30 -4.03 -33.28
C GLY A 555 33.56 -4.61 -32.08
N ILE A 556 32.31 -5.04 -32.26
CA ILE A 556 31.56 -4.84 -33.50
C ILE A 556 30.12 -4.41 -33.20
N ARG A 557 29.38 -4.06 -34.25
CA ARG A 557 27.98 -3.68 -34.13
C ARG A 557 27.09 -4.65 -34.90
N GLU B 6 -37.50 -12.07 -4.77
CA GLU B 6 -37.08 -10.74 -4.20
C GLU B 6 -35.56 -10.59 -4.23
N THR B 7 -34.85 -11.70 -4.06
CA THR B 7 -33.39 -11.67 -3.97
C THR B 7 -32.73 -12.32 -5.18
N VAL B 8 -31.91 -11.56 -5.89
CA VAL B 8 -31.21 -12.09 -7.06
C VAL B 8 -29.95 -12.82 -6.63
N PRO B 9 -29.90 -14.14 -6.84
CA PRO B 9 -28.73 -14.94 -6.46
C PRO B 9 -27.48 -14.54 -7.25
N VAL B 10 -26.36 -14.44 -6.55
CA VAL B 10 -25.12 -13.99 -7.17
C VAL B 10 -24.00 -15.01 -7.00
N LYS B 11 -23.26 -15.26 -8.08
CA LYS B 11 -22.13 -16.19 -8.05
C LYS B 11 -20.81 -15.44 -8.21
N LEU B 12 -19.76 -15.95 -7.57
CA LEU B 12 -18.40 -15.50 -7.89
C LEU B 12 -17.99 -16.12 -9.22
N LYS B 13 -16.93 -15.56 -9.82
CA LYS B 13 -16.32 -16.18 -10.99
C LYS B 13 -15.59 -17.44 -10.52
N PRO B 14 -16.14 -18.63 -10.85
CA PRO B 14 -15.48 -19.87 -10.45
C PRO B 14 -14.10 -20.05 -11.07
N GLY B 15 -13.16 -20.56 -10.27
CA GLY B 15 -13.47 -20.93 -8.90
C GLY B 15 -12.90 -19.96 -7.88
N MET B 16 -12.75 -18.69 -8.26
CA MET B 16 -12.22 -17.66 -7.38
C MET B 16 -12.94 -17.65 -6.04
N ASP B 17 -12.19 -17.39 -4.97
CA ASP B 17 -12.78 -17.21 -3.66
C ASP B 17 -12.99 -15.72 -3.45
N GLY B 18 -13.63 -15.37 -2.34
CA GLY B 18 -13.92 -13.97 -2.09
C GLY B 18 -12.69 -13.16 -1.78
N PRO B 19 -12.85 -11.84 -1.61
CA PRO B 19 -11.78 -10.87 -1.33
C PRO B 19 -11.21 -11.02 0.07
N LYS B 20 -9.89 -10.93 0.18
CA LYS B 20 -9.22 -10.98 1.47
C LYS B 20 -8.18 -9.88 1.52
N VAL B 21 -8.67 -8.65 1.58
CA VAL B 21 -7.82 -7.48 1.43
C VAL B 21 -7.68 -6.85 2.80
N LYS B 22 -6.47 -6.43 3.14
CA LYS B 22 -6.22 -5.88 4.46
C LYS B 22 -6.76 -4.45 4.58
N GLN B 23 -7.16 -4.08 5.79
CA GLN B 23 -7.65 -2.73 6.06
C GLN B 23 -6.48 -1.77 6.23
N TRP B 24 -6.46 -0.68 5.46
CA TRP B 24 -5.43 0.32 5.60
C TRP B 24 -5.69 1.10 6.88
N PRO B 25 -4.62 1.62 7.52
CA PRO B 25 -4.72 2.43 8.74
C PRO B 25 -5.49 3.74 8.55
N LEU B 26 -6.29 4.10 9.54
CA LEU B 26 -7.17 5.26 9.45
C LEU B 26 -6.90 6.15 10.67
N THR B 27 -7.01 7.45 10.49
CA THR B 27 -6.90 8.37 11.63
C THR B 27 -8.09 8.22 12.58
N GLU B 28 -7.94 8.77 13.78
CA GLU B 28 -8.99 8.72 14.79
C GLU B 28 -10.32 9.22 14.25
N GLU B 29 -10.33 10.40 13.65
CA GLU B 29 -11.58 11.05 13.31
C GLU B 29 -12.34 10.29 12.22
N LYS B 30 -11.59 9.60 11.35
CA LYS B 30 -12.23 8.81 10.31
C LYS B 30 -12.78 7.52 10.91
N ILE B 31 -12.04 6.97 11.87
CA ILE B 31 -12.52 5.80 12.58
C ILE B 31 -13.79 6.14 13.33
N LYS B 32 -13.77 7.23 14.10
CA LYS B 32 -14.96 7.67 14.83
C LYS B 32 -16.13 7.89 13.88
N ALA B 33 -15.87 8.51 12.74
CA ALA B 33 -16.93 8.76 11.79
C ALA B 33 -17.55 7.45 11.29
N LEU B 34 -16.71 6.43 11.08
CA LEU B 34 -17.20 5.17 10.58
C LEU B 34 -18.01 4.45 11.64
N VAL B 35 -17.61 4.59 12.90
CA VAL B 35 -18.35 3.97 13.97
C VAL B 35 -19.77 4.53 14.03
N GLU B 36 -19.91 5.86 14.02
CA GLU B 36 -21.24 6.46 14.02
C GLU B 36 -22.08 5.92 12.86
N ILE B 37 -21.53 5.99 11.66
CA ILE B 37 -22.26 5.60 10.46
C ILE B 37 -22.68 4.14 10.47
N CYS B 38 -21.79 3.26 10.86
CA CYS B 38 -22.09 1.84 10.84
C CYS B 38 -22.99 1.45 12.00
N THR B 39 -22.91 2.19 13.09
CA THR B 39 -23.81 1.92 14.20
C THR B 39 -25.26 2.18 13.79
N GLU B 40 -25.49 3.29 13.09
CA GLU B 40 -26.83 3.57 12.58
C GLU B 40 -27.29 2.58 11.53
N MET B 41 -26.44 2.27 10.55
CA MET B 41 -26.82 1.35 9.47
C MET B 41 -27.21 -0.01 10.03
N GLU B 42 -26.58 -0.39 11.14
CA GLU B 42 -26.82 -1.69 11.75
C GLU B 42 -28.19 -1.69 12.43
N LYS B 43 -28.50 -0.60 13.12
CA LYS B 43 -29.82 -0.37 13.68
C LYS B 43 -30.87 -0.48 12.58
N GLU B 44 -30.55 0.05 11.41
CA GLU B 44 -31.47 0.06 10.30
C GLU B 44 -31.42 -1.25 9.50
N GLY B 45 -30.62 -2.21 9.96
CA GLY B 45 -30.63 -3.53 9.36
C GLY B 45 -29.87 -3.67 8.04
N LYS B 46 -29.13 -2.65 7.64
CA LYS B 46 -28.41 -2.70 6.38
C LYS B 46 -27.12 -3.53 6.44
N ILE B 47 -26.49 -3.58 7.62
CA ILE B 47 -25.37 -4.49 7.84
C ILE B 47 -25.56 -5.23 9.17
N SER B 48 -24.79 -6.30 9.37
CA SER B 48 -24.80 -7.02 10.65
C SER B 48 -23.38 -7.40 11.10
N LYS B 49 -23.15 -7.35 12.41
CA LYS B 49 -21.87 -7.76 12.94
C LYS B 49 -21.65 -9.21 12.58
N ILE B 50 -20.40 -9.60 12.36
CA ILE B 50 -20.13 -10.95 11.94
C ILE B 50 -19.02 -11.58 12.77
N GLY B 51 -18.93 -12.92 12.70
CA GLY B 51 -17.96 -13.64 13.50
C GLY B 51 -16.72 -14.03 12.73
N PRO B 52 -15.75 -14.67 13.39
CA PRO B 52 -14.48 -14.99 12.75
C PRO B 52 -14.63 -16.05 11.66
N GLU B 53 -15.80 -16.66 11.56
CA GLU B 53 -16.04 -17.68 10.55
C GLU B 53 -16.18 -17.06 9.18
N ASN B 54 -16.15 -15.73 9.13
CA ASN B 54 -16.06 -15.02 7.86
C ASN B 54 -14.61 -14.61 7.63
N PRO B 55 -13.94 -15.26 6.67
CA PRO B 55 -12.52 -15.00 6.39
C PRO B 55 -12.27 -13.84 5.42
N TYR B 56 -13.33 -13.15 5.02
CA TYR B 56 -13.20 -12.17 3.95
C TYR B 56 -13.02 -10.76 4.46
N ASN B 57 -12.44 -9.91 3.62
CA ASN B 57 -12.35 -8.50 3.96
C ASN B 57 -12.16 -7.66 2.72
N THR B 58 -12.78 -6.48 2.73
CA THR B 58 -12.45 -5.43 1.79
C THR B 58 -12.28 -4.15 2.62
N PRO B 59 -11.38 -3.25 2.19
CA PRO B 59 -11.03 -2.04 2.94
C PRO B 59 -12.20 -1.06 2.99
N VAL B 60 -12.25 -0.26 4.03
CA VAL B 60 -13.27 0.78 4.10
C VAL B 60 -12.62 2.09 4.55
N PHE B 61 -13.12 3.20 4.01
CA PHE B 61 -12.51 4.51 4.25
C PHE B 61 -13.60 5.53 4.57
N ALA B 62 -13.19 6.67 5.10
CA ALA B 62 -14.08 7.82 5.25
C ALA B 62 -13.65 8.95 4.34
N ILE B 63 -14.63 9.58 3.67
CA ILE B 63 -14.36 10.76 2.85
C ILE B 63 -15.38 11.84 3.16
N LYS B 64 -15.13 13.04 2.65
CA LYS B 64 -16.18 14.04 2.49
C LYS B 64 -16.51 14.15 1.00
N LYS B 65 -17.77 14.39 0.68
CA LYS B 65 -18.19 14.46 -0.73
C LYS B 65 -18.28 15.92 -1.17
N SER B 68 -20.61 18.16 2.21
CA SER B 68 -19.25 18.67 2.18
C SER B 68 -18.67 18.76 3.59
N THR B 69 -19.55 18.89 4.57
CA THR B 69 -19.14 18.94 5.98
C THR B 69 -19.31 17.55 6.60
N LYS B 70 -20.17 16.74 5.97
CA LYS B 70 -20.51 15.42 6.50
C LYS B 70 -19.49 14.37 6.07
N TRP B 71 -19.25 13.40 6.94
CA TRP B 71 -18.43 12.22 6.59
C TRP B 71 -19.27 11.18 5.88
N ARG B 72 -18.69 10.54 4.88
CA ARG B 72 -19.36 9.48 4.16
C ARG B 72 -18.51 8.20 4.16
N LYS B 73 -19.17 7.05 4.24
CA LYS B 73 -18.49 5.78 4.21
C LYS B 73 -18.19 5.36 2.79
N LEU B 74 -16.93 5.06 2.51
CA LEU B 74 -16.53 4.55 1.21
C LEU B 74 -15.93 3.15 1.33
N VAL B 75 -16.66 2.13 0.90
CA VAL B 75 -16.12 0.79 0.91
C VAL B 75 -15.39 0.56 -0.39
N ASP B 76 -14.18 0.03 -0.30
CA ASP B 76 -13.36 -0.24 -1.47
C ASP B 76 -13.58 -1.65 -2.01
N PHE B 77 -14.52 -1.80 -2.94
CA PHE B 77 -14.88 -3.09 -3.51
C PHE B 77 -14.14 -3.46 -4.80
N ARG B 78 -12.99 -2.85 -5.06
CA ARG B 78 -12.26 -3.16 -6.29
C ARG B 78 -11.97 -4.66 -6.42
N GLU B 79 -11.65 -5.32 -5.32
CA GLU B 79 -11.32 -6.73 -5.40
C GLU B 79 -12.56 -7.59 -5.65
N LEU B 80 -13.62 -7.35 -4.87
CA LEU B 80 -14.88 -8.06 -5.06
C LEU B 80 -15.37 -7.83 -6.49
N ASN B 81 -15.30 -6.59 -6.96
CA ASN B 81 -15.74 -6.30 -8.32
C ASN B 81 -14.99 -7.16 -9.35
N LYS B 82 -13.65 -7.19 -9.29
CA LYS B 82 -12.85 -8.04 -10.18
C LYS B 82 -13.29 -9.49 -10.10
N ARG B 83 -13.69 -9.93 -8.92
CA ARG B 83 -14.03 -11.32 -8.72
C ARG B 83 -15.50 -11.60 -9.02
N THR B 84 -16.27 -10.55 -9.29
CA THR B 84 -17.70 -10.67 -9.57
C THR B 84 -18.01 -10.37 -11.03
N GLN B 85 -16.96 -10.12 -11.82
CA GLN B 85 -17.13 -9.52 -13.15
C GLN B 85 -18.01 -10.30 -14.14
N ASP B 86 -18.25 -11.59 -13.87
CA ASP B 86 -19.14 -12.34 -14.76
C ASP B 86 -20.57 -11.87 -14.53
N PHE B 87 -20.85 -11.47 -13.30
CA PHE B 87 -22.20 -11.11 -12.94
C PHE B 87 -22.62 -9.71 -13.43
N TRP B 88 -21.83 -8.69 -13.09
CA TRP B 88 -22.22 -7.32 -13.39
C TRP B 88 -21.94 -6.87 -14.82
N GLU B 89 -20.98 -7.52 -15.48
CA GLU B 89 -20.62 -7.12 -16.84
C GLU B 89 -21.30 -8.02 -17.88
N VAL B 90 -21.35 -9.32 -17.61
CA VAL B 90 -21.80 -10.29 -18.60
C VAL B 90 -23.28 -10.65 -18.43
N GLN B 91 -23.65 -11.16 -17.25
CA GLN B 91 -24.99 -11.67 -17.02
C GLN B 91 -26.04 -10.56 -17.02
N LEU B 92 -25.72 -9.45 -16.37
CA LEU B 92 -26.68 -8.36 -16.18
C LEU B 92 -26.10 -7.02 -16.61
N GLY B 93 -25.22 -7.04 -17.60
CA GLY B 93 -24.57 -5.81 -18.03
C GLY B 93 -25.53 -4.66 -18.27
N ILE B 94 -25.02 -3.44 -18.12
CA ILE B 94 -25.76 -2.23 -18.43
C ILE B 94 -25.15 -1.58 -19.66
N PRO B 95 -25.96 -1.35 -20.70
CA PRO B 95 -25.48 -0.78 -21.96
C PRO B 95 -25.00 0.65 -21.78
N HIS B 96 -23.93 1.02 -22.47
CA HIS B 96 -23.41 2.38 -22.41
C HIS B 96 -23.72 3.12 -23.69
N PRO B 97 -24.46 4.23 -23.60
CA PRO B 97 -24.86 4.97 -24.80
C PRO B 97 -23.73 5.82 -25.34
N ALA B 98 -23.54 5.79 -26.65
CA ALA B 98 -22.52 6.60 -27.28
C ALA B 98 -22.97 8.06 -27.37
N GLY B 99 -24.26 8.30 -27.14
CA GLY B 99 -24.78 9.65 -27.20
C GLY B 99 -24.38 10.55 -26.04
N LEU B 100 -23.97 9.95 -24.92
CA LEU B 100 -23.69 10.73 -23.72
C LEU B 100 -22.54 11.72 -23.92
N LYS B 101 -21.48 11.30 -24.61
CA LYS B 101 -20.33 12.17 -24.84
C LYS B 101 -20.63 13.30 -25.81
N LYS B 102 -21.72 13.19 -26.55
CA LYS B 102 -22.09 14.21 -27.53
C LYS B 102 -22.80 15.41 -26.92
N LYS B 103 -23.39 15.25 -25.74
CA LYS B 103 -24.27 16.28 -25.18
C LYS B 103 -23.50 17.51 -24.72
N LYS B 104 -24.16 18.67 -24.75
CA LYS B 104 -23.52 19.92 -24.33
C LYS B 104 -23.30 19.91 -22.83
N SER B 105 -24.25 19.31 -22.10
CA SER B 105 -24.15 19.28 -20.65
C SER B 105 -24.48 17.90 -20.08
N VAL B 106 -23.64 17.43 -19.16
CA VAL B 106 -23.95 16.21 -18.44
C VAL B 106 -23.85 16.41 -16.94
N THR B 107 -24.92 16.11 -16.23
CA THR B 107 -24.94 16.28 -14.79
C THR B 107 -24.83 14.92 -14.12
N VAL B 108 -24.05 14.85 -13.05
CA VAL B 108 -23.85 13.61 -12.33
C VAL B 108 -24.64 13.67 -11.02
N LEU B 109 -25.48 12.66 -10.79
CA LEU B 109 -26.28 12.61 -9.57
C LEU B 109 -26.00 11.34 -8.81
N ASP B 110 -25.81 11.46 -7.52
CA ASP B 110 -25.58 10.30 -6.67
C ASP B 110 -26.91 9.66 -6.30
N VAL B 111 -27.11 8.41 -6.74
CA VAL B 111 -28.34 7.68 -6.43
C VAL B 111 -28.08 6.43 -5.58
N GLY B 112 -26.99 6.45 -4.82
CA GLY B 112 -26.59 5.29 -4.05
C GLY B 112 -27.58 4.83 -2.98
N ASP B 113 -28.37 5.76 -2.44
CA ASP B 113 -29.31 5.43 -1.37
C ASP B 113 -30.37 4.45 -1.85
N ALA B 114 -30.55 4.34 -3.16
CA ALA B 114 -31.51 3.42 -3.72
C ALA B 114 -31.20 1.97 -3.34
N TYR B 115 -29.93 1.63 -3.26
CA TYR B 115 -29.52 0.23 -3.10
C TYR B 115 -29.88 -0.35 -1.74
N PHE B 116 -29.90 0.49 -0.70
CA PHE B 116 -30.10 -0.04 0.65
C PHE B 116 -31.51 -0.54 0.88
N SER B 117 -32.36 -0.44 -0.15
CA SER B 117 -33.76 -0.83 -0.01
C SER B 117 -33.98 -2.22 -0.57
N VAL B 118 -33.00 -2.73 -1.29
CA VAL B 118 -33.08 -4.08 -1.81
C VAL B 118 -32.23 -5.03 -0.97
N PRO B 119 -32.78 -6.19 -0.60
CA PRO B 119 -32.02 -7.22 0.13
C PRO B 119 -30.96 -7.86 -0.77
N LEU B 120 -29.86 -8.28 -0.16
CA LEU B 120 -28.77 -8.92 -0.89
C LEU B 120 -28.81 -10.45 -0.70
N ASP B 121 -28.65 -11.19 -1.79
CA ASP B 121 -28.66 -12.65 -1.73
C ASP B 121 -27.89 -13.13 -0.51
N GLU B 122 -28.56 -13.95 0.31
CA GLU B 122 -28.01 -14.34 1.61
C GLU B 122 -26.74 -15.17 1.51
N ASP B 123 -26.58 -15.90 0.43
CA ASP B 123 -25.37 -16.72 0.26
C ASP B 123 -24.22 -15.89 -0.28
N PHE B 124 -24.49 -14.62 -0.60
CA PHE B 124 -23.43 -13.77 -1.10
C PHE B 124 -22.93 -12.78 -0.04
N ARG B 125 -23.75 -12.49 0.96
CA ARG B 125 -23.46 -11.41 1.90
C ARG B 125 -22.08 -11.53 2.57
N LYS B 126 -21.59 -12.76 2.76
CA LYS B 126 -20.34 -12.95 3.48
C LYS B 126 -19.13 -12.34 2.77
N TYR B 127 -19.24 -12.17 1.46
CA TYR B 127 -18.15 -11.60 0.66
C TYR B 127 -18.05 -10.08 0.75
N THR B 128 -18.99 -9.46 1.46
CA THR B 128 -19.04 -8.00 1.58
C THR B 128 -18.53 -7.58 2.94
N ALA B 129 -17.88 -8.52 3.64
CA ALA B 129 -17.27 -8.26 4.94
C ALA B 129 -16.30 -7.09 4.94
N PHE B 130 -16.39 -6.24 5.95
CA PHE B 130 -15.41 -5.20 6.16
C PHE B 130 -15.15 -4.96 7.64
N THR B 131 -14.12 -4.17 7.92
CA THR B 131 -13.52 -4.12 9.25
C THR B 131 -13.20 -2.69 9.63
N ILE B 132 -13.79 -2.20 10.72
CA ILE B 132 -13.35 -0.92 11.27
C ILE B 132 -12.22 -1.13 12.26
N PRO B 133 -11.01 -0.67 11.93
CA PRO B 133 -9.86 -0.87 12.81
C PRO B 133 -9.92 0.03 14.05
N SER B 134 -8.98 -0.20 14.97
CA SER B 134 -8.87 0.63 16.15
C SER B 134 -7.47 1.22 16.25
N ILE B 135 -7.38 2.40 16.84
CA ILE B 135 -6.11 3.05 17.09
C ILE B 135 -5.22 2.11 17.90
N ASN B 136 -3.96 2.01 17.51
CA ASN B 136 -2.96 1.23 18.21
C ASN B 136 -3.35 -0.22 18.47
N ASN B 137 -4.36 -0.71 17.76
CA ASN B 137 -4.75 -2.12 17.82
C ASN B 137 -5.21 -2.54 19.22
N GLU B 138 -5.75 -1.60 19.98
CA GLU B 138 -6.10 -1.88 21.38
C GLU B 138 -7.44 -2.58 21.56
N THR B 139 -8.25 -2.62 20.51
CA THR B 139 -9.51 -3.35 20.57
C THR B 139 -9.69 -4.06 19.24
N PRO B 140 -10.41 -5.19 19.22
CA PRO B 140 -10.58 -5.91 17.96
C PRO B 140 -11.35 -5.09 16.93
N GLY B 141 -10.95 -5.20 15.67
CA GLY B 141 -11.70 -4.50 14.65
C GLY B 141 -13.17 -4.82 14.82
N ILE B 142 -14.03 -3.86 14.47
CA ILE B 142 -15.48 -4.09 14.42
C ILE B 142 -15.81 -4.63 13.03
N ARG B 143 -16.39 -5.83 12.98
CA ARG B 143 -16.62 -6.53 11.72
C ARG B 143 -18.09 -6.58 11.31
N TYR B 144 -18.36 -6.29 10.04
CA TYR B 144 -19.73 -6.26 9.51
C TYR B 144 -19.77 -6.95 8.15
N GLN B 145 -20.96 -7.37 7.73
CA GLN B 145 -21.21 -7.66 6.32
C GLN B 145 -22.51 -6.96 5.93
N TYR B 146 -22.82 -6.96 4.63
CA TYR B 146 -24.02 -6.28 4.14
C TYR B 146 -25.25 -7.18 4.04
N ASN B 147 -26.42 -6.60 4.29
CA ASN B 147 -27.69 -7.34 4.16
C ASN B 147 -28.46 -6.83 2.95
N VAL B 148 -28.08 -5.65 2.48
CA VAL B 148 -28.70 -5.04 1.30
C VAL B 148 -27.61 -4.76 0.26
N LEU B 149 -28.03 -4.34 -0.94
CA LEU B 149 -27.07 -3.96 -1.97
C LEU B 149 -26.16 -2.89 -1.42
N PRO B 150 -24.84 -3.15 -1.41
CA PRO B 150 -23.85 -2.16 -0.95
C PRO B 150 -23.49 -1.16 -2.06
N GLN B 151 -23.24 0.08 -1.66
CA GLN B 151 -22.73 1.08 -2.59
C GLN B 151 -21.28 0.74 -2.97
N GLY B 152 -20.93 0.93 -4.23
CA GLY B 152 -19.56 0.66 -4.64
C GLY B 152 -19.32 -0.74 -5.19
N TRP B 153 -20.24 -1.66 -4.93
CA TRP B 153 -20.20 -2.96 -5.59
C TRP B 153 -20.89 -2.85 -6.94
N LYS B 154 -20.19 -3.28 -7.99
CA LYS B 154 -20.71 -3.18 -9.34
C LYS B 154 -21.97 -4.03 -9.55
N GLY B 155 -22.16 -5.02 -8.70
CA GLY B 155 -23.35 -5.85 -8.79
C GLY B 155 -24.64 -5.11 -8.48
N SER B 156 -24.58 -4.13 -7.58
CA SER B 156 -25.77 -3.42 -7.13
C SER B 156 -26.54 -2.72 -8.26
N PRO B 157 -25.85 -1.92 -9.08
CA PRO B 157 -26.59 -1.33 -10.21
C PRO B 157 -27.03 -2.36 -11.25
N ALA B 158 -26.27 -3.44 -11.37
CA ALA B 158 -26.68 -4.53 -12.25
C ALA B 158 -28.01 -5.11 -11.77
N ILE B 159 -28.14 -5.30 -10.47
CA ILE B 159 -29.34 -5.87 -9.88
C ILE B 159 -30.49 -4.86 -9.82
N PHE B 160 -30.19 -3.62 -9.44
CA PHE B 160 -31.22 -2.60 -9.33
C PHE B 160 -31.66 -2.11 -10.71
N GLN B 161 -30.94 -2.54 -11.73
CA GLN B 161 -31.14 -2.08 -13.10
C GLN B 161 -32.62 -1.95 -13.52
N SER B 162 -33.40 -3.01 -13.32
CA SER B 162 -34.79 -3.01 -13.77
C SER B 162 -35.69 -2.08 -12.95
N SER B 163 -35.39 -1.93 -11.67
CA SER B 163 -36.13 -0.97 -10.85
C SER B 163 -35.83 0.45 -11.34
N MET B 164 -34.59 0.66 -11.77
CA MET B 164 -34.18 1.98 -12.19
C MET B 164 -34.94 2.41 -13.44
N THR B 165 -35.12 1.49 -14.39
CA THR B 165 -35.73 1.89 -15.65
C THR B 165 -37.21 2.18 -15.42
N LYS B 166 -37.83 1.40 -14.52
CA LYS B 166 -39.17 1.71 -14.06
C LYS B 166 -39.24 3.15 -13.56
N ILE B 167 -38.34 3.50 -12.65
CA ILE B 167 -38.32 4.83 -12.05
C ILE B 167 -38.13 5.93 -13.09
N LEU B 168 -37.29 5.68 -14.09
CA LEU B 168 -36.91 6.74 -15.03
C LEU B 168 -37.85 6.80 -16.24
N GLU B 169 -38.72 5.80 -16.36
CA GLU B 169 -39.52 5.62 -17.57
C GLU B 169 -40.35 6.86 -17.95
N PRO B 170 -41.12 7.42 -16.99
CA PRO B 170 -41.91 8.60 -17.34
C PRO B 170 -41.03 9.77 -17.75
N PHE B 171 -39.91 9.95 -17.07
CA PHE B 171 -39.07 11.08 -17.38
C PHE B 171 -38.41 10.94 -18.75
N ARG B 172 -37.99 9.73 -19.08
CA ARG B 172 -37.38 9.51 -20.38
C ARG B 172 -38.42 9.74 -21.47
N LYS B 173 -39.60 9.14 -21.29
CA LYS B 173 -40.69 9.27 -22.23
C LYS B 173 -41.02 10.74 -22.50
N GLN B 174 -41.02 11.55 -21.44
CA GLN B 174 -41.35 12.97 -21.59
C GLN B 174 -40.19 13.78 -22.14
N ASN B 175 -38.97 13.26 -21.96
CA ASN B 175 -37.78 13.93 -22.46
C ASN B 175 -36.92 12.95 -23.27
N PRO B 176 -37.33 12.65 -24.51
CA PRO B 176 -36.69 11.62 -25.33
C PRO B 176 -35.32 12.03 -25.86
N ASP B 177 -34.98 13.30 -25.75
CA ASP B 177 -33.68 13.79 -26.20
C ASP B 177 -32.68 13.91 -25.05
N ILE B 178 -33.08 13.52 -23.86
CA ILE B 178 -32.16 13.48 -22.75
C ILE B 178 -31.62 12.06 -22.59
N VAL B 179 -30.33 11.97 -22.31
CA VAL B 179 -29.69 10.66 -22.13
C VAL B 179 -29.33 10.42 -20.66
N ILE B 180 -29.71 9.26 -20.16
CA ILE B 180 -29.46 8.92 -18.78
C ILE B 180 -28.72 7.61 -18.67
N TYR B 181 -27.60 7.65 -17.98
CA TYR B 181 -26.72 6.50 -17.86
C TYR B 181 -26.34 6.25 -16.41
N GLN B 182 -26.57 5.03 -15.95
CA GLN B 182 -26.19 4.67 -14.61
C GLN B 182 -24.84 3.96 -14.61
N TYR B 183 -23.91 4.50 -13.83
CA TYR B 183 -22.64 3.84 -13.60
C TYR B 183 -22.35 3.82 -12.11
N MET B 184 -22.35 2.61 -11.54
CA MET B 184 -22.15 2.41 -10.11
C MET B 184 -23.22 3.12 -9.30
N ASP B 185 -22.79 4.04 -8.43
CA ASP B 185 -23.70 4.73 -7.54
C ASP B 185 -24.27 5.99 -8.21
N ASP B 186 -23.78 6.31 -9.40
CA ASP B 186 -24.14 7.56 -10.04
C ASP B 186 -25.08 7.47 -11.24
N LEU B 187 -25.85 8.54 -11.42
CA LEU B 187 -26.64 8.72 -12.62
C LEU B 187 -25.98 9.83 -13.44
N TYR B 188 -25.74 9.59 -14.71
CA TYR B 188 -25.22 10.62 -15.61
C TYR B 188 -26.36 11.07 -16.51
N VAL B 189 -26.60 12.37 -16.56
CA VAL B 189 -27.77 12.89 -17.29
C VAL B 189 -27.35 13.98 -18.25
N GLY B 190 -27.53 13.72 -19.54
CA GLY B 190 -27.00 14.64 -20.52
C GLY B 190 -28.07 15.24 -21.41
N SER B 191 -27.87 16.49 -21.84
CA SER B 191 -28.77 17.06 -22.84
C SER B 191 -28.12 18.20 -23.63
N ASP B 192 -28.81 18.63 -24.67
CA ASP B 192 -28.38 19.78 -25.46
C ASP B 192 -29.12 21.09 -25.13
N LEU B 193 -29.92 21.06 -24.07
CA LEU B 193 -30.65 22.25 -23.62
C LEU B 193 -29.71 23.40 -23.25
N GLU B 194 -30.21 24.63 -23.29
CA GLU B 194 -29.45 25.73 -22.70
C GLU B 194 -29.39 25.50 -21.19
N ILE B 195 -28.35 26.04 -20.57
CA ILE B 195 -27.98 25.62 -19.22
C ILE B 195 -29.10 25.76 -18.20
N GLY B 196 -29.89 26.83 -18.29
CA GLY B 196 -31.04 26.99 -17.40
C GLY B 196 -32.10 25.93 -17.60
N GLN B 197 -32.46 25.67 -18.86
CA GLN B 197 -33.40 24.61 -19.17
C GLN B 197 -32.87 23.25 -18.70
N HIS B 198 -31.58 23.04 -18.87
CA HIS B 198 -30.97 21.78 -18.46
C HIS B 198 -31.04 21.61 -16.95
N ARG B 199 -30.64 22.64 -16.22
CA ARG B 199 -30.72 22.61 -14.76
C ARG B 199 -32.15 22.41 -14.26
N THR B 200 -33.11 22.97 -14.99
CA THR B 200 -34.52 22.82 -14.62
C THR B 200 -34.96 21.40 -14.83
N LYS B 201 -34.47 20.78 -15.92
CA LYS B 201 -34.80 19.39 -16.18
C LYS B 201 -34.18 18.45 -15.12
N ILE B 202 -33.05 18.86 -14.55
CA ILE B 202 -32.42 18.07 -13.49
C ILE B 202 -33.24 18.09 -12.20
N GLU B 203 -33.68 19.28 -11.79
CA GLU B 203 -34.59 19.40 -10.65
C GLU B 203 -35.82 18.50 -10.81
N GLU B 204 -36.40 18.51 -12.01
CA GLU B 204 -37.54 17.63 -12.29
C GLU B 204 -37.18 16.17 -12.06
N LEU B 205 -36.01 15.78 -12.53
CA LEU B 205 -35.55 14.40 -12.43
C LEU B 205 -35.37 14.06 -10.95
N ARG B 206 -34.82 15.01 -10.19
CA ARG B 206 -34.66 14.81 -8.75
C ARG B 206 -36.00 14.55 -8.07
N GLN B 207 -37.04 15.27 -8.50
CA GLN B 207 -38.36 15.08 -7.93
C GLN B 207 -38.87 13.67 -8.20
N HIS B 208 -38.64 13.17 -9.41
CA HIS B 208 -39.03 11.79 -9.72
C HIS B 208 -38.27 10.86 -8.78
N LEU B 209 -36.94 11.03 -8.74
CA LEU B 209 -36.10 10.18 -7.90
C LEU B 209 -36.56 10.27 -6.45
N LEU B 210 -36.95 11.48 -6.04
CA LEU B 210 -37.35 11.74 -4.66
C LEU B 210 -38.55 10.91 -4.20
N ARG B 211 -39.42 10.54 -5.12
CA ARG B 211 -40.55 9.70 -4.74
C ARG B 211 -40.10 8.28 -4.45
N TRP B 212 -38.81 8.00 -4.67
CA TRP B 212 -38.27 6.66 -4.43
C TRP B 212 -37.08 6.67 -3.48
N GLY B 213 -36.20 7.66 -3.63
CA GLY B 213 -34.96 7.68 -2.85
C GLY B 213 -33.90 8.68 -3.34
N LEU B 214 -33.74 9.76 -2.57
CA LEU B 214 -32.71 10.78 -2.78
C LEU B 214 -32.98 11.95 -1.82
N THR B 215 -31.96 12.77 -1.56
CA THR B 215 -32.08 13.83 -0.55
C THR B 215 -33.00 14.98 -0.97
N THR B 216 -33.47 15.74 0.02
CA THR B 216 -34.24 16.96 -0.23
C THR B 216 -33.30 18.12 -0.57
N TYR B 232 -23.45 18.57 -9.98
CA TYR B 232 -22.13 18.42 -10.60
C TYR B 232 -22.21 18.22 -12.13
N GLU B 233 -21.56 19.14 -12.87
CA GLU B 233 -21.96 19.52 -14.23
C GLU B 233 -20.84 19.50 -15.30
N LEU B 234 -20.91 18.56 -16.24
CA LEU B 234 -19.88 18.40 -17.28
C LEU B 234 -20.30 18.96 -18.63
N HIS B 235 -19.30 19.28 -19.46
CA HIS B 235 -19.55 19.74 -20.83
C HIS B 235 -18.71 18.97 -21.83
N PRO B 236 -19.09 17.72 -22.11
CA PRO B 236 -18.29 16.74 -22.85
C PRO B 236 -17.99 17.10 -24.30
N ASP B 237 -18.93 17.75 -24.97
CA ASP B 237 -18.71 18.13 -26.36
C ASP B 237 -17.67 19.24 -26.47
N LYS B 238 -17.29 19.82 -25.34
CA LYS B 238 -16.20 20.79 -25.31
C LYS B 238 -14.90 20.12 -24.93
N TRP B 239 -14.92 18.80 -24.82
CA TRP B 239 -13.69 18.05 -24.57
C TRP B 239 -12.95 17.84 -25.88
N THR B 240 -11.71 18.31 -25.93
CA THR B 240 -10.92 18.23 -27.15
C THR B 240 -9.48 17.85 -26.80
N VAL B 241 -8.83 17.16 -27.73
CA VAL B 241 -7.49 16.62 -27.49
C VAL B 241 -6.51 17.70 -27.06
N GLN B 242 -5.54 17.30 -26.25
CA GLN B 242 -4.40 18.16 -25.94
C GLN B 242 -3.23 17.76 -26.84
N PRO B 243 -3.12 18.38 -28.02
CA PRO B 243 -2.16 17.93 -29.02
C PRO B 243 -0.73 18.00 -28.51
N ILE B 244 0.13 17.13 -29.05
CA ILE B 244 1.56 17.30 -28.88
C ILE B 244 1.92 18.62 -29.55
N VAL B 245 2.54 19.51 -28.79
CA VAL B 245 2.77 20.88 -29.26
C VAL B 245 4.13 20.99 -29.93
N LEU B 246 4.14 21.61 -31.11
CA LEU B 246 5.38 21.95 -31.78
C LEU B 246 5.51 23.46 -31.80
N PRO B 247 6.50 24.00 -31.07
CA PRO B 247 6.60 25.44 -30.90
C PRO B 247 6.76 26.18 -32.23
N GLU B 248 6.19 27.37 -32.31
CA GLU B 248 6.53 28.31 -33.36
C GLU B 248 7.60 29.22 -32.75
N LYS B 249 8.79 29.27 -33.36
CA LYS B 249 9.90 29.97 -32.73
C LYS B 249 10.58 31.02 -33.61
N ASP B 250 11.08 32.06 -32.95
CA ASP B 250 11.84 33.13 -33.60
C ASP B 250 13.11 32.59 -34.27
N SER B 251 14.04 32.12 -33.44
CA SER B 251 15.25 31.47 -33.94
C SER B 251 15.38 30.09 -33.30
N TRP B 252 15.99 29.15 -34.02
CA TRP B 252 16.20 27.81 -33.49
C TRP B 252 17.67 27.54 -33.24
N THR B 253 17.98 26.86 -32.12
CA THR B 253 19.33 26.39 -31.86
C THR B 253 19.42 24.92 -32.23
N VAL B 254 20.64 24.38 -32.21
CA VAL B 254 20.83 22.96 -32.43
C VAL B 254 20.04 22.19 -31.37
N ASN B 255 20.02 22.74 -30.15
CA ASN B 255 19.31 22.11 -29.05
C ASN B 255 17.81 22.03 -29.36
N ASP B 256 17.25 23.16 -29.80
CA ASP B 256 15.83 23.23 -30.12
C ASP B 256 15.46 22.21 -31.20
N ILE B 257 16.36 22.04 -32.16
CA ILE B 257 16.11 21.12 -33.27
C ILE B 257 16.12 19.68 -32.76
N GLN B 258 17.16 19.35 -32.00
CA GLN B 258 17.30 18.02 -31.42
C GLN B 258 16.10 17.72 -30.53
N LYS B 259 15.74 18.66 -29.67
CA LYS B 259 14.55 18.56 -28.86
C LYS B 259 13.37 18.19 -29.76
N LEU B 260 13.31 18.87 -30.89
CA LEU B 260 12.18 18.75 -31.80
C LEU B 260 12.15 17.40 -32.52
N VAL B 261 13.29 16.95 -32.99
CA VAL B 261 13.35 15.66 -33.67
C VAL B 261 12.98 14.54 -32.72
N GLY B 262 13.47 14.64 -31.47
CA GLY B 262 13.15 13.62 -30.49
C GLY B 262 11.67 13.61 -30.20
N LYS B 263 11.05 14.77 -30.32
CA LYS B 263 9.63 14.93 -30.03
C LYS B 263 8.79 14.42 -31.19
N LEU B 264 9.22 14.71 -32.41
CA LEU B 264 8.55 14.22 -33.62
C LEU B 264 8.80 12.72 -33.75
N ASN B 265 10.04 12.32 -33.53
CA ASN B 265 10.43 10.92 -33.65
C ASN B 265 9.59 10.06 -32.73
N TRP B 266 9.14 10.67 -31.65
CA TRP B 266 8.28 9.98 -30.70
C TRP B 266 6.84 9.88 -31.22
N ALA B 267 6.36 10.97 -31.81
CA ALA B 267 5.01 10.99 -32.37
C ALA B 267 4.89 10.01 -33.53
N SER B 268 6.00 9.79 -34.23
CA SER B 268 5.99 8.96 -35.42
C SER B 268 5.62 7.52 -35.08
N GLN B 269 5.75 7.17 -33.81
CA GLN B 269 5.39 5.83 -33.33
C GLN B 269 3.88 5.73 -33.07
N ILE B 270 3.21 6.87 -33.07
CA ILE B 270 1.78 6.95 -32.79
C ILE B 270 0.99 7.35 -34.02
N TYR B 271 1.36 8.48 -34.61
CA TYR B 271 0.61 9.02 -35.75
C TYR B 271 1.20 8.59 -37.09
N PRO B 272 0.40 7.93 -37.93
CA PRO B 272 0.81 7.63 -39.31
C PRO B 272 1.08 8.91 -40.10
N GLY B 273 2.28 8.99 -40.67
CA GLY B 273 2.58 10.07 -41.61
C GLY B 273 3.55 11.12 -41.10
N ILE B 274 4.04 10.97 -39.87
CA ILE B 274 4.96 11.94 -39.29
C ILE B 274 6.31 11.85 -39.98
N LYS B 275 6.91 13.00 -40.29
CA LYS B 275 8.19 13.04 -41.00
C LYS B 275 9.20 13.98 -40.34
N VAL B 276 10.46 13.56 -40.29
CA VAL B 276 11.53 14.33 -39.67
C VAL B 276 12.74 14.50 -40.59
N ARG B 277 12.81 13.67 -41.62
CA ARG B 277 13.98 13.59 -42.50
C ARG B 277 14.49 14.95 -42.96
N GLN B 278 13.56 15.82 -43.38
CA GLN B 278 13.91 17.13 -43.90
C GLN B 278 14.17 18.13 -42.80
N LEU B 279 14.74 17.67 -41.68
CA LEU B 279 14.91 18.53 -40.52
C LEU B 279 16.15 18.15 -39.73
N CYS B 280 16.44 16.86 -39.63
CA CYS B 280 17.67 16.41 -38.98
C CYS B 280 18.84 16.72 -39.91
N LYS B 281 18.53 16.92 -41.19
CA LYS B 281 19.52 17.39 -42.15
C LYS B 281 20.11 18.71 -41.68
N LEU B 282 19.39 19.41 -40.81
CA LEU B 282 19.84 20.69 -40.29
C LEU B 282 20.96 20.49 -39.27
N LEU B 283 20.94 19.35 -38.60
CA LEU B 283 21.91 19.09 -37.54
C LEU B 283 23.26 18.62 -38.07
N ARG B 284 23.25 17.96 -39.24
CA ARG B 284 24.44 17.34 -39.82
C ARG B 284 25.77 18.01 -39.43
N GLY B 285 26.77 17.19 -39.13
CA GLY B 285 27.99 17.70 -38.54
C GLY B 285 28.03 17.43 -37.05
N THR B 286 28.93 18.08 -36.33
CA THR B 286 28.95 17.98 -34.87
C THR B 286 28.94 19.39 -34.26
N LYS B 287 27.75 19.96 -34.11
CA LYS B 287 27.64 21.37 -33.79
C LYS B 287 27.48 21.64 -32.31
N ALA B 288 27.75 22.89 -31.92
CA ALA B 288 27.56 23.31 -30.55
C ALA B 288 26.06 23.44 -30.28
N LEU B 289 25.67 23.18 -29.04
CA LEU B 289 24.26 23.14 -28.70
C LEU B 289 23.60 24.50 -28.90
N THR B 290 24.33 25.56 -28.62
CA THR B 290 23.80 26.93 -28.63
C THR B 290 23.76 27.58 -30.01
N GLU B 291 24.41 26.96 -30.99
CA GLU B 291 24.53 27.54 -32.31
C GLU B 291 23.16 27.76 -32.93
N VAL B 292 22.95 28.95 -33.49
CA VAL B 292 21.70 29.27 -34.17
C VAL B 292 21.70 28.61 -35.56
N ILE B 293 20.52 28.33 -36.10
CA ILE B 293 20.45 27.70 -37.42
C ILE B 293 19.28 28.17 -38.28
N PRO B 294 19.54 28.34 -39.59
CA PRO B 294 18.56 28.75 -40.61
C PRO B 294 17.47 27.72 -40.81
N LEU B 295 16.22 28.18 -40.72
CA LEU B 295 15.06 27.31 -40.87
C LEU B 295 14.69 27.08 -42.35
N THR B 296 14.91 25.85 -42.80
CA THR B 296 14.74 25.47 -44.20
C THR B 296 13.27 25.52 -44.62
N GLU B 297 13.02 25.51 -45.93
CA GLU B 297 11.66 25.52 -46.45
C GLU B 297 11.06 24.12 -46.39
N GLU B 298 11.88 23.12 -46.68
CA GLU B 298 11.47 21.72 -46.60
C GLU B 298 11.11 21.40 -45.16
N ALA B 299 11.85 22.01 -44.24
CA ALA B 299 11.67 21.79 -42.81
C ALA B 299 10.36 22.42 -42.37
N GLU B 300 10.22 23.72 -42.60
CA GLU B 300 9.04 24.45 -42.18
C GLU B 300 7.78 23.96 -42.88
N LEU B 301 7.98 23.16 -43.93
CA LEU B 301 6.84 22.55 -44.63
C LEU B 301 6.30 21.37 -43.84
N GLU B 302 7.11 20.32 -43.69
CA GLU B 302 6.68 19.13 -42.98
C GLU B 302 6.42 19.47 -41.52
N LEU B 303 7.19 20.43 -41.00
CA LEU B 303 6.96 20.94 -39.67
C LEU B 303 5.48 21.29 -39.49
N ALA B 304 4.96 22.07 -40.43
CA ALA B 304 3.57 22.51 -40.37
C ALA B 304 2.63 21.36 -40.70
N GLU B 305 3.07 20.47 -41.59
CA GLU B 305 2.27 19.33 -42.00
C GLU B 305 2.10 18.34 -40.85
N ASN B 306 3.11 18.23 -40.01
CA ASN B 306 3.03 17.38 -38.84
C ASN B 306 2.05 17.97 -37.83
N ARG B 307 2.06 19.29 -37.72
CA ARG B 307 1.09 19.99 -36.88
C ARG B 307 -0.34 19.59 -37.24
N GLU B 308 -0.57 19.38 -38.54
CA GLU B 308 -1.88 18.93 -39.03
C GLU B 308 -2.21 17.57 -38.45
N ILE B 309 -1.24 16.67 -38.47
CA ILE B 309 -1.43 15.31 -38.04
C ILE B 309 -1.69 15.23 -36.54
N LEU B 310 -0.95 16.04 -35.77
CA LEU B 310 -1.03 16.00 -34.31
C LEU B 310 -2.35 16.54 -33.77
N LYS B 311 -2.99 17.41 -34.54
CA LYS B 311 -4.26 18.00 -34.12
C LYS B 311 -5.40 17.01 -34.22
N GLU B 312 -5.27 16.05 -35.14
CA GLU B 312 -6.35 15.10 -35.40
C GLU B 312 -6.27 13.88 -34.49
N PRO B 313 -7.37 13.11 -34.40
CA PRO B 313 -7.35 11.84 -33.67
C PRO B 313 -6.42 10.85 -34.37
N VAL B 314 -5.97 9.84 -33.65
CA VAL B 314 -5.01 8.90 -34.21
C VAL B 314 -5.69 7.98 -35.21
N HIS B 315 -5.25 8.04 -36.46
CA HIS B 315 -5.80 7.17 -37.47
C HIS B 315 -5.45 5.72 -37.17
N GLY B 316 -6.47 4.87 -37.07
CA GLY B 316 -6.24 3.45 -36.90
C GLY B 316 -6.49 2.95 -35.50
N VAL B 317 -6.77 3.87 -34.58
CA VAL B 317 -6.96 3.51 -33.18
C VAL B 317 -8.43 3.52 -32.79
N TYR B 318 -8.88 2.44 -32.17
CA TYR B 318 -10.29 2.30 -31.82
C TYR B 318 -10.44 1.66 -30.47
N TYR B 319 -11.54 1.99 -29.79
CA TYR B 319 -11.83 1.40 -28.49
C TYR B 319 -12.20 -0.06 -28.64
N ASP B 320 -11.54 -0.93 -27.87
CA ASP B 320 -11.92 -2.33 -27.81
C ASP B 320 -12.56 -2.62 -26.45
N PRO B 321 -13.88 -2.89 -26.46
CA PRO B 321 -14.69 -3.10 -25.26
C PRO B 321 -14.24 -4.28 -24.41
N SER B 322 -13.37 -5.13 -24.98
CA SER B 322 -12.91 -6.32 -24.27
C SER B 322 -11.63 -6.02 -23.53
N LYS B 323 -11.01 -4.88 -23.82
CA LYS B 323 -9.71 -4.54 -23.25
C LYS B 323 -9.78 -3.45 -22.21
N ASP B 324 -8.91 -3.54 -21.21
CA ASP B 324 -8.85 -2.58 -20.12
C ASP B 324 -8.34 -1.23 -20.62
N LEU B 325 -8.81 -0.15 -20.00
CA LEU B 325 -8.26 1.16 -20.27
C LEU B 325 -7.08 1.45 -19.33
N ILE B 326 -6.03 2.06 -19.87
CA ILE B 326 -4.91 2.51 -19.05
C ILE B 326 -4.82 4.03 -19.14
N ALA B 327 -4.53 4.67 -18.02
CA ALA B 327 -4.24 6.10 -18.04
C ALA B 327 -2.86 6.37 -17.48
N GLU B 328 -2.08 7.18 -18.18
CA GLU B 328 -0.80 7.66 -17.67
C GLU B 328 -0.86 9.17 -17.41
N ILE B 329 -0.27 9.60 -16.29
CA ILE B 329 -0.29 10.99 -15.87
C ILE B 329 1.12 11.48 -15.60
N GLN B 330 1.47 12.63 -16.17
CA GLN B 330 2.79 13.23 -15.96
C GLN B 330 2.68 14.54 -15.21
N LYS B 331 3.52 14.72 -14.20
CA LYS B 331 3.62 15.99 -13.47
C LYS B 331 4.43 16.97 -14.32
N GLN B 332 3.82 18.09 -14.69
CA GLN B 332 4.49 19.09 -15.51
C GLN B 332 5.00 20.30 -14.73
N GLY B 333 4.60 20.41 -13.46
CA GLY B 333 4.94 21.58 -12.69
C GLY B 333 3.94 22.71 -12.90
N GLN B 334 4.01 23.75 -12.06
CA GLN B 334 3.09 24.88 -12.19
C GLN B 334 1.65 24.45 -11.92
N GLY B 335 1.49 23.31 -11.25
CA GLY B 335 0.16 22.80 -11.00
C GLY B 335 -0.47 22.26 -12.26
N GLN B 336 0.34 21.81 -13.22
CA GLN B 336 -0.16 21.26 -14.48
C GLN B 336 0.15 19.78 -14.69
N TRP B 337 -0.77 19.08 -15.32
CA TRP B 337 -0.69 17.64 -15.41
C TRP B 337 -1.19 17.17 -16.77
N THR B 338 -0.39 16.34 -17.43
CA THR B 338 -0.77 15.83 -18.73
C THR B 338 -1.16 14.38 -18.58
N TYR B 339 -2.08 13.92 -19.42
CA TYR B 339 -2.50 12.54 -19.33
C TYR B 339 -2.90 11.95 -20.67
N GLN B 340 -2.71 10.65 -20.79
CA GLN B 340 -3.09 9.95 -22.00
C GLN B 340 -3.88 8.73 -21.57
N ILE B 341 -4.91 8.40 -22.33
CA ILE B 341 -5.64 7.17 -22.11
C ILE B 341 -5.46 6.30 -23.35
N TYR B 342 -5.12 5.03 -23.14
CA TYR B 342 -4.90 4.10 -24.25
C TYR B 342 -5.19 2.70 -23.75
N GLN B 343 -5.30 1.77 -24.69
CA GLN B 343 -5.49 0.36 -24.34
C GLN B 343 -4.25 -0.45 -24.70
N GLU B 344 -3.68 -0.15 -25.85
CA GLU B 344 -2.34 -0.61 -26.21
C GLU B 344 -1.41 0.59 -26.22
N PRO B 345 -0.21 0.44 -25.63
CA PRO B 345 0.68 1.60 -25.44
C PRO B 345 0.94 2.40 -26.71
N PHE B 346 0.85 3.71 -26.57
CA PHE B 346 1.14 4.65 -27.65
C PHE B 346 0.08 4.71 -28.74
N LYS B 347 -1.01 3.95 -28.57
CA LYS B 347 -2.17 4.13 -29.42
C LYS B 347 -3.24 4.90 -28.64
N ASN B 348 -3.07 6.20 -28.51
CA ASN B 348 -3.88 7.02 -27.63
C ASN B 348 -5.31 7.17 -28.10
N LEU B 349 -6.26 6.82 -27.24
CA LEU B 349 -7.68 7.10 -27.51
C LEU B 349 -7.98 8.54 -27.13
N LYS B 350 -7.24 9.07 -26.17
CA LYS B 350 -7.48 10.43 -25.68
C LYS B 350 -6.29 10.96 -24.90
N THR B 351 -5.96 12.22 -25.12
CA THR B 351 -4.95 12.90 -24.33
C THR B 351 -5.54 14.21 -23.85
N GLY B 352 -4.94 14.77 -22.80
CA GLY B 352 -5.47 16.02 -22.26
C GLY B 352 -4.57 16.55 -21.18
N LYS B 353 -5.02 17.62 -20.53
CA LYS B 353 -4.28 18.23 -19.45
C LYS B 353 -5.23 18.55 -18.30
N TYR B 354 -4.65 18.88 -17.16
CA TYR B 354 -5.41 19.31 -16.01
C TYR B 354 -4.55 20.32 -15.27
N ALA B 355 -5.14 21.44 -14.87
CA ALA B 355 -4.39 22.46 -14.16
C ALA B 355 -5.04 22.95 -12.85
N ARG B 356 -4.20 23.33 -11.89
CA ARG B 356 -4.65 23.91 -10.62
C ARG B 356 -5.77 23.13 -9.96
N THR B 362 -0.74 24.29 -5.14
CA THR B 362 -0.88 23.87 -3.74
C THR B 362 -0.06 22.60 -3.45
N ASN B 363 -0.72 21.45 -3.63
CA ASN B 363 -0.31 20.20 -3.01
C ASN B 363 -0.29 19.16 -4.12
N ASP B 364 0.86 18.52 -4.32
CA ASP B 364 1.05 17.55 -5.41
C ASP B 364 0.02 16.43 -5.34
N VAL B 365 -0.20 15.88 -4.16
CA VAL B 365 -1.08 14.74 -4.01
C VAL B 365 -2.52 15.13 -4.24
N LYS B 366 -2.89 16.32 -3.80
CA LYS B 366 -4.27 16.79 -3.92
C LYS B 366 -4.61 17.03 -5.38
N GLN B 367 -3.64 17.54 -6.13
CA GLN B 367 -3.85 17.81 -7.56
C GLN B 367 -3.95 16.53 -8.36
N LEU B 368 -3.05 15.59 -8.07
CA LEU B 368 -3.05 14.28 -8.71
C LEU B 368 -4.41 13.61 -8.48
N THR B 369 -4.84 13.67 -7.24
CA THR B 369 -6.15 13.17 -6.83
C THR B 369 -7.28 13.80 -7.62
N GLU B 370 -7.20 15.10 -7.84
CA GLU B 370 -8.23 15.76 -8.64
C GLU B 370 -8.18 15.27 -10.08
N ALA B 371 -6.97 15.17 -10.62
CA ALA B 371 -6.81 14.82 -12.03
C ALA B 371 -7.34 13.40 -12.28
N VAL B 372 -7.02 12.48 -11.37
CA VAL B 372 -7.49 11.11 -11.47
C VAL B 372 -9.01 11.07 -11.51
N GLN B 373 -9.66 11.78 -10.59
CA GLN B 373 -11.12 11.76 -10.56
C GLN B 373 -11.69 12.33 -11.83
N LYS B 374 -11.13 13.43 -12.30
CA LYS B 374 -11.60 14.03 -13.53
C LYS B 374 -11.41 13.09 -14.71
N ILE B 375 -10.24 12.46 -14.81
CA ILE B 375 -9.98 11.57 -15.93
C ILE B 375 -10.88 10.35 -15.84
N THR B 376 -11.07 9.84 -14.62
CA THR B 376 -12.02 8.73 -14.44
C THR B 376 -13.41 9.13 -14.91
N THR B 377 -13.82 10.36 -14.61
CA THR B 377 -15.17 10.78 -14.97
C THR B 377 -15.35 10.84 -16.48
N GLU B 378 -14.40 11.45 -17.18
CA GLU B 378 -14.52 11.56 -18.62
C GLU B 378 -14.52 10.17 -19.21
N SER B 379 -13.69 9.30 -18.64
CA SER B 379 -13.62 7.93 -19.11
C SER B 379 -14.96 7.21 -18.96
N ILE B 380 -15.65 7.44 -17.84
CA ILE B 380 -16.96 6.82 -17.64
C ILE B 380 -17.97 7.33 -18.67
N VAL B 381 -17.90 8.62 -18.98
CA VAL B 381 -18.83 9.21 -19.93
C VAL B 381 -18.59 8.65 -21.32
N ILE B 382 -17.33 8.56 -21.70
CA ILE B 382 -16.97 8.21 -23.06
C ILE B 382 -17.08 6.71 -23.31
N TRP B 383 -16.61 5.88 -22.39
CA TRP B 383 -16.57 4.46 -22.65
C TRP B 383 -17.44 3.59 -21.73
N GLY B 384 -17.86 4.14 -20.59
CA GLY B 384 -18.62 3.33 -19.65
C GLY B 384 -17.69 2.43 -18.86
N LYS B 385 -16.41 2.82 -18.83
CA LYS B 385 -15.40 2.00 -18.19
C LYS B 385 -14.37 2.90 -17.51
N THR B 386 -13.68 2.33 -16.52
CA THR B 386 -12.73 3.06 -15.69
C THR B 386 -11.31 2.62 -16.05
N PRO B 387 -10.37 3.59 -16.11
CA PRO B 387 -8.97 3.32 -16.40
C PRO B 387 -8.21 2.75 -15.21
N LYS B 388 -7.25 1.87 -15.49
CA LYS B 388 -6.21 1.55 -14.52
C LYS B 388 -5.16 2.65 -14.66
N PHE B 389 -4.85 3.34 -13.56
CA PHE B 389 -3.97 4.49 -13.61
C PHE B 389 -2.53 4.10 -13.31
N LYS B 390 -1.60 4.69 -14.05
CA LYS B 390 -0.19 4.61 -13.71
C LYS B 390 0.24 5.94 -13.08
N LEU B 391 0.48 5.91 -11.77
CA LEU B 391 0.59 7.12 -10.97
C LEU B 391 2.02 7.46 -10.59
N PRO B 392 2.47 8.69 -10.94
CA PRO B 392 3.84 9.20 -10.69
C PRO B 392 4.08 9.56 -9.23
N ILE B 393 3.97 8.59 -8.34
CA ILE B 393 4.07 8.86 -6.92
C ILE B 393 4.44 7.61 -6.14
N GLN B 394 4.96 7.80 -4.92
CA GLN B 394 5.34 6.69 -4.06
C GLN B 394 4.10 6.05 -3.47
N LYS B 395 4.00 4.72 -3.60
CA LYS B 395 2.81 3.98 -3.19
C LYS B 395 2.31 4.46 -1.83
N GLU B 396 3.25 4.60 -0.90
CA GLU B 396 2.95 4.85 0.49
C GLU B 396 2.42 6.26 0.69
N THR B 397 2.96 7.20 -0.08
CA THR B 397 2.50 8.58 -0.05
C THR B 397 1.05 8.63 -0.47
N TRP B 398 0.78 8.03 -1.62
CA TRP B 398 -0.57 7.99 -2.16
C TRP B 398 -1.50 7.33 -1.16
N GLU B 399 -1.07 6.20 -0.61
CA GLU B 399 -1.93 5.39 0.24
C GLU B 399 -2.42 6.16 1.46
N THR B 400 -1.53 6.87 2.13
CA THR B 400 -1.92 7.62 3.31
C THR B 400 -2.78 8.84 2.97
N TRP B 401 -2.43 9.54 1.89
CA TRP B 401 -3.02 10.85 1.64
C TRP B 401 -4.27 10.93 0.75
N TRP B 402 -4.46 9.98 -0.16
CA TRP B 402 -5.47 10.15 -1.20
C TRP B 402 -6.89 10.40 -0.68
N THR B 403 -7.29 9.73 0.40
CA THR B 403 -8.69 9.86 0.84
C THR B 403 -8.89 11.21 1.50
N GLU B 404 -7.79 11.92 1.74
CA GLU B 404 -7.86 13.25 2.30
C GLU B 404 -8.58 14.18 1.32
N TYR B 405 -8.63 13.79 0.05
CA TYR B 405 -9.11 14.68 -1.00
C TYR B 405 -10.15 14.02 -1.91
N TRP B 406 -10.16 12.70 -1.92
CA TRP B 406 -11.08 11.94 -2.78
C TRP B 406 -12.55 12.25 -2.51
N GLN B 407 -13.28 12.63 -3.56
CA GLN B 407 -14.68 12.97 -3.41
C GLN B 407 -15.61 11.96 -4.08
N ALA B 408 -15.08 11.17 -5.02
CA ALA B 408 -15.94 10.27 -5.79
C ALA B 408 -16.38 9.06 -4.95
N THR B 409 -17.38 8.35 -5.44
CA THR B 409 -17.90 7.21 -4.72
C THR B 409 -17.44 5.89 -5.31
N TRP B 410 -16.65 5.98 -6.38
CA TRP B 410 -15.89 4.84 -6.89
C TRP B 410 -14.38 5.00 -6.67
N ILE B 411 -13.62 3.94 -6.95
CA ILE B 411 -12.17 4.00 -6.86
C ILE B 411 -11.62 3.22 -8.05
N PRO B 412 -10.89 3.90 -8.95
CA PRO B 412 -10.24 3.20 -10.06
C PRO B 412 -9.11 2.33 -9.56
N GLU B 413 -8.73 1.35 -10.36
CA GLU B 413 -7.48 0.65 -10.12
C GLU B 413 -6.28 1.52 -10.42
N TRP B 414 -5.22 1.35 -9.65
CA TRP B 414 -3.99 2.06 -9.92
C TRP B 414 -2.76 1.22 -9.61
N GLU B 415 -1.66 1.58 -10.25
CA GLU B 415 -0.35 1.11 -9.84
C GLU B 415 0.59 2.31 -9.82
N PHE B 416 1.83 2.09 -9.38
CA PHE B 416 2.74 3.21 -9.17
C PHE B 416 3.99 3.07 -9.99
N VAL B 417 4.34 4.15 -10.68
CA VAL B 417 5.44 4.12 -11.63
C VAL B 417 6.32 5.34 -11.44
N ASN B 418 7.57 5.24 -11.89
CA ASN B 418 8.40 6.43 -11.99
C ASN B 418 8.40 6.89 -13.44
N THR B 419 7.92 8.10 -13.67
CA THR B 419 7.73 8.61 -15.01
C THR B 419 9.04 8.68 -15.78
N PRO B 420 9.09 8.10 -16.98
CA PRO B 420 10.24 8.28 -17.89
C PRO B 420 10.35 9.75 -18.24
N PRO B 421 11.48 10.38 -17.89
CA PRO B 421 11.63 11.84 -17.90
C PRO B 421 11.41 12.44 -19.29
N LEU B 422 11.64 11.63 -20.31
CA LEU B 422 11.44 12.05 -21.68
C LEU B 422 9.95 12.18 -22.01
N VAL B 423 9.16 11.15 -21.67
CA VAL B 423 7.72 11.18 -21.88
C VAL B 423 7.13 12.49 -21.35
N LYS B 424 7.59 12.90 -20.16
CA LYS B 424 7.18 14.16 -19.55
C LYS B 424 7.47 15.34 -20.47
N LEU B 425 8.63 15.32 -21.11
CA LEU B 425 9.08 16.42 -21.95
C LEU B 425 8.21 16.55 -23.19
N TRP B 426 7.79 15.41 -23.73
CA TRP B 426 7.14 15.38 -25.02
C TRP B 426 5.69 15.90 -24.97
N TYR B 427 5.12 15.97 -23.77
CA TYR B 427 3.77 16.48 -23.60
C TYR B 427 3.66 17.84 -22.94
N GLN B 428 4.73 18.63 -22.97
CA GLN B 428 4.69 20.00 -22.48
C GLN B 428 3.69 20.86 -23.24
N LEU B 429 3.60 22.14 -22.88
CA LEU B 429 2.70 23.09 -23.52
C LEU B 429 3.42 24.22 -24.26
C26 TT1 C . 1.47 -0.60 33.95
C25 TT1 C . 1.06 -0.66 35.44
C24 TT1 C . 0.15 0.30 35.95
C23 TT1 C . -0.35 1.32 35.09
C21 TT1 C . 0.03 1.40 33.70
CL22 TT1 C . -0.67 2.68 32.76
C20 TT1 C . 0.95 0.43 33.11
C8 TT1 C . 1.36 0.51 31.58
S9 TT1 C . 0.81 -0.95 30.63
C10 TT1 C . -0.73 -0.28 29.98
N19 TT1 C . -1.00 0.96 29.88
N18 TT1 C . -2.25 1.04 29.36
C12 TT1 C . -2.61 -0.18 29.20
C13 TT1 C . -3.94 -0.49 28.64
C17 TT1 C . -4.39 -0.04 27.47
C16 TT1 C . -5.74 -0.52 27.15
C15 TT1 C . -6.24 -1.31 28.11
S14 TT1 C . -5.12 -1.54 29.47
N11 TT1 C . -1.71 -1.05 29.58
C1 TT1 C . -1.75 -2.52 29.55
C2 TT1 C . -1.18 -3.14 28.26
C7 TT1 C . -1.51 -2.61 26.96
C6 TT1 C . -0.98 -3.22 25.77
C5 TT1 C . -0.10 -4.37 25.89
C4 TT1 C . 0.23 -4.91 27.19
C3 TT1 C . -0.31 -4.30 28.37
C1 GOL D . 18.64 -8.78 10.25
O1 GOL D . 18.66 -10.04 9.60
C2 GOL D . 18.35 -7.66 9.26
O2 GOL D . 17.08 -7.90 8.64
C3 GOL D . 18.33 -6.31 9.99
O3 GOL D . 18.05 -5.24 9.09
S SO4 E . 32.10 26.65 -28.06
O1 SO4 E . 32.44 25.21 -28.10
O2 SO4 E . 32.48 27.28 -29.34
O3 SO4 E . 32.84 27.28 -26.96
O4 SO4 E . 30.65 26.83 -27.87
S SO4 F . 36.60 26.02 -21.55
O1 SO4 F . 36.11 27.27 -22.18
O2 SO4 F . 37.45 26.33 -20.39
O3 SO4 F . 37.38 25.24 -22.52
O4 SO4 F . 35.43 25.23 -21.11
S SO4 G . 32.30 25.32 -33.22
O1 SO4 G . 32.75 25.18 -34.61
O2 SO4 G . 33.21 24.59 -32.33
O3 SO4 G . 30.93 24.77 -33.09
O4 SO4 G . 32.29 26.75 -32.83
S SO4 H . 29.38 -0.89 -10.99
O1 SO4 H . 29.86 -1.97 -11.87
O2 SO4 H . 29.75 -1.19 -9.59
O3 SO4 H . 27.91 -0.79 -11.10
O4 SO4 H . 29.99 0.39 -11.38
S SO4 I . 4.68 -12.75 25.49
O1 SO4 I . 5.95 -12.50 24.78
O2 SO4 I . 4.91 -13.79 26.52
O3 SO4 I . 3.65 -13.23 24.53
O4 SO4 I . 4.21 -11.52 26.14
CL CL J . 20.48 -20.34 19.66
MG MG K . 0.63 -15.39 27.44
CL CL L . -15.72 20.26 -18.31
CL CL M . -23.28 29.74 -13.73
CL CL N . -16.99 -19.72 4.27
CL CL O . -13.71 4.33 -30.97
#